data_6YKW
#
_entry.id   6YKW
#
_cell.length_a   49.429
_cell.length_b   81.338
_cell.length_c   225.620
_cell.angle_alpha   90.000
_cell.angle_beta   90.000
_cell.angle_gamma   90.000
#
_symmetry.space_group_name_H-M   'P 21 21 21'
#
loop_
_entity.id
_entity.type
_entity.pdbx_description
1 polymer 'Leucine--tRNA ligase'
2 non-polymer 1,2-ETHANEDIOL
3 non-polymer '[(2~{R},3~{S},4~{S},5~{R})-3,4-bis(oxidanyl)-5-[3-[4-[[(phenylmethyl)amino]methyl]-1,2,3-triazol-1-yl]propyl]oxan-2-yl]methyl ~{N}-[(2~{S})-2-azanyl-4-methyl-pentanoyl]sulfamate'
4 non-polymer 'MAGNESIUM ION'
5 non-polymer 'ZINC ION'
6 water water
#
_entity_poly.entity_id   1
_entity_poly.type   'polypeptide(L)'
_entity_poly.pdbx_seq_one_letter_code
;GMQEHYQPAAIEPAAQKKWDDARISNVSEDASKPKYYCLSMFPYPSGKLHMGHVRNYTIGDVLSRFKLLNGFNVMQPMGW
DAFGMPAENAAMKNNVAPAAWTYDNIEYMKTQLKSLGFAVDWEREVATCKPEYYRWEQWLFTKLFEKGIVYRKNGTVNWD
PVDQTVLANEQVIDGRGWRSGALIEKREIPMYYFKITDYAEELLNDLDKLEHWPEQVKTMQRNWIGKSRGMTVRFAVSDD
SKQGLEGDYAKFLQVYTTRPDTLMGATYVAVAAEHPLATAAAADKPELQAFIAECKAGSVAEADMATMEKKGVPTGRYVV
NPLNGDKLEVWIANYVLWGYGDGAVMAVPAHDERDFEFAAKYNLPKKQVIAVGDNAFDANRWQEWYGDKENGVLVNSGDL
DGLDFQTAFDAVAAKLQSQGAGEPKTQYRLRDWGISRQRYWGCPIPIVHCEKCGNVPVPADQLPVVLPENVVPDGMGSPL
AKMPEFYETSCPCCGGAAKRETDTMDTFIESSWYFFRYMSPKFSDGMVSAESAKYWGAVDQYIGGIEHAILHLLYARFFT
KLMRDEGLVNVDEPFERLLTQGMVVCETYYRENDKGGKDWINPADVELTFDDKGRPVSAVLKADGLPVVISGTEKMSKSK
NNGVDPQELINAYGADTARLFMMFAAPPEQSLEWSDSGVEGAHRFLRRLWRTVYEYLKQGGAVKAFAGNQDGLSKELKDL
RHKLHSTTAKVSDDYGRRQQFNTAIAAVMELLNQYDKTDTGSEQGRAVAQEVLEAAVRLLWPIVPHICETLWSELNGAKL
WEAGWPTVDEAALVKSEIEVMVQVNGKLRGKITVAADASKADLEAAALANEGAVKFMEGKPAKKIIVVPGRLVNIVV
;
_entity_poly.pdbx_strand_id   A
#
loop_
_chem_comp.id
_chem_comp.type
_chem_comp.name
_chem_comp.formula
EDO non-polymer 1,2-ETHANEDIOL 'C2 H6 O2'
MG non-polymer 'MAGNESIUM ION' 'Mg 2'
OVZ non-polymer '[(2~{R},3~{S},4~{S},5~{R})-3,4-bis(oxidanyl)-5-[3-[4-[[(phenylmethyl)amino]methyl]-1,2,3-triazol-1-yl]propyl]oxan-2-yl]methyl ~{N}-[(2~{S})-2-azanyl-4-methyl-pentanoyl]sulfamate' 'C25 H40 N6 O7 S'
ZN non-polymer 'ZINC ION' 'Zn 2'
#
# COMPACT_ATOMS: atom_id res chain seq x y z
N MET A 2 2.36 19.02 41.44
CA MET A 2 2.88 18.16 40.39
C MET A 2 3.69 17.00 40.97
N GLN A 3 3.36 15.79 40.54
CA GLN A 3 4.09 14.62 40.99
C GLN A 3 5.54 14.70 40.54
N GLU A 4 6.45 14.23 41.40
CA GLU A 4 7.87 14.35 41.10
C GLU A 4 8.30 13.39 40.00
N HIS A 5 7.84 12.15 40.06
CA HIS A 5 8.27 11.11 39.12
C HIS A 5 7.20 10.85 38.07
N TYR A 6 7.65 10.54 36.86
CA TYR A 6 6.74 10.30 35.75
C TYR A 6 6.03 8.97 35.93
N GLN A 7 4.71 9.02 36.07
CA GLN A 7 3.87 7.82 36.25
C GLN A 7 2.90 7.73 35.09
N PRO A 8 3.15 6.85 34.10
CA PRO A 8 2.26 6.80 32.94
C PRO A 8 0.86 6.35 33.26
N ALA A 9 0.71 5.36 34.15
CA ALA A 9 -0.62 4.83 34.46
C ALA A 9 -1.53 5.83 35.16
N ALA A 10 -0.99 6.96 35.62
CA ALA A 10 -1.77 7.96 36.33
C ALA A 10 -2.23 9.10 35.43
N ILE A 11 -1.44 9.50 34.44
CA ILE A 11 -1.73 10.68 33.65
C ILE A 11 -2.41 10.29 32.34
N GLU A 12 -2.13 9.09 31.83
CA GLU A 12 -2.67 8.71 30.53
C GLU A 12 -4.18 8.54 30.55
N PRO A 13 -4.80 7.85 31.53
CA PRO A 13 -6.26 7.80 31.55
C PRO A 13 -6.91 9.16 31.75
N ALA A 14 -6.34 10.00 32.62
CA ALA A 14 -6.92 11.33 32.85
C ALA A 14 -6.78 12.20 31.61
N ALA A 15 -5.69 12.07 30.85
CA ALA A 15 -5.55 12.83 29.63
C ALA A 15 -6.55 12.39 28.57
N GLN A 16 -6.77 11.08 28.45
CA GLN A 16 -7.75 10.57 27.50
C GLN A 16 -9.16 11.00 27.88
N LYS A 17 -9.50 10.95 29.17
CA LYS A 17 -10.80 11.45 29.61
C LYS A 17 -10.95 12.94 29.35
N LYS A 18 -9.85 13.69 29.45
CA LYS A 18 -9.90 15.12 29.15
C LYS A 18 -10.16 15.37 27.67
N TRP A 19 -9.59 14.54 26.80
CA TRP A 19 -9.82 14.69 25.37
C TRP A 19 -11.22 14.25 24.97
N ASP A 20 -11.75 13.22 25.63
CA ASP A 20 -13.10 12.75 25.28
C ASP A 20 -14.16 13.72 25.78
N ASP A 21 -14.00 14.25 27.00
CA ASP A 21 -14.97 15.21 27.52
C ASP A 21 -15.02 16.48 26.68
N ALA A 22 -13.90 16.85 26.07
CA ALA A 22 -13.88 18.01 25.19
C ALA A 22 -14.31 17.68 23.76
N ARG A 23 -14.39 16.40 23.41
CA ARG A 23 -14.84 15.96 22.08
C ARG A 23 -14.01 16.59 20.97
N ILE A 24 -12.70 16.66 21.18
CA ILE A 24 -11.82 17.27 20.20
C ILE A 24 -11.75 16.43 18.92
N SER A 25 -11.95 15.12 19.04
CA SER A 25 -11.89 14.23 17.88
C SER A 25 -13.25 14.03 17.23
N ASN A 26 -14.34 14.31 17.93
CA ASN A 26 -15.69 14.14 17.39
C ASN A 26 -16.01 15.37 16.54
N VAL A 27 -15.72 15.26 15.24
CA VAL A 27 -15.85 16.37 14.32
C VAL A 27 -17.06 16.17 13.43
N SER A 28 -17.59 17.28 12.92
CA SER A 28 -18.76 17.29 12.04
C SER A 28 -18.42 18.11 10.80
N GLU A 29 -19.42 18.28 9.93
CA GLU A 29 -19.24 19.02 8.69
C GLU A 29 -19.39 20.53 8.93
N ASP A 30 -18.50 21.06 9.76
CA ASP A 30 -18.47 22.48 10.08
C ASP A 30 -17.75 23.22 8.96
N ALA A 31 -18.49 24.07 8.23
CA ALA A 31 -17.94 24.83 7.12
C ALA A 31 -17.19 26.07 7.56
N SER A 32 -16.97 26.26 8.87
CA SER A 32 -16.27 27.42 9.39
C SER A 32 -14.84 27.09 9.80
N LYS A 33 -14.25 26.03 9.25
CA LYS A 33 -12.90 25.62 9.60
C LYS A 33 -12.37 24.71 8.51
N PRO A 34 -11.13 24.88 8.07
CA PRO A 34 -10.60 24.05 6.98
C PRO A 34 -10.50 22.59 7.40
N LYS A 35 -11.08 21.72 6.57
CA LYS A 35 -11.13 20.30 6.89
C LYS A 35 -9.81 19.60 6.56
N TYR A 36 -9.59 18.47 7.21
CA TYR A 36 -8.46 17.61 6.89
C TYR A 36 -8.85 16.17 7.20
N TYR A 37 -8.73 15.30 6.19
CA TYR A 37 -9.12 13.90 6.30
C TYR A 37 -7.84 13.07 6.31
N CYS A 38 -7.41 12.67 7.51
CA CYS A 38 -6.26 11.78 7.68
C CYS A 38 -6.76 10.39 8.01
N LEU A 39 -6.34 9.40 7.22
CA LEU A 39 -6.89 8.06 7.31
C LEU A 39 -5.79 7.01 7.31
N SER A 40 -5.88 6.08 8.25
CA SER A 40 -5.03 4.91 8.28
C SER A 40 -5.83 3.67 7.90
N MET A 41 -5.17 2.71 7.27
CA MET A 41 -5.85 1.51 6.81
C MET A 41 -6.45 0.74 7.98
N PHE A 42 -7.76 0.54 7.92
CA PHE A 42 -8.45 -0.12 9.02
C PHE A 42 -8.08 -1.60 9.09
N PRO A 43 -8.02 -2.18 10.28
CA PRO A 43 -7.43 -3.50 10.46
C PRO A 43 -8.46 -4.63 10.41
N TYR A 44 -7.95 -5.85 10.25
CA TYR A 44 -8.77 -7.04 10.45
C TYR A 44 -8.95 -7.30 11.94
N PRO A 45 -10.17 -7.54 12.41
CA PRO A 45 -10.35 -7.92 13.82
C PRO A 45 -9.84 -9.32 14.10
N SER A 46 -8.52 -9.53 13.99
CA SER A 46 -7.95 -10.86 14.14
C SER A 46 -7.99 -11.35 15.59
N GLY A 47 -8.05 -10.43 16.56
CA GLY A 47 -8.07 -10.83 17.95
C GLY A 47 -7.44 -9.80 18.86
N LYS A 48 -6.23 -9.36 18.50
CA LYS A 48 -5.52 -8.35 19.27
C LYS A 48 -4.59 -7.58 18.34
N LEU A 49 -4.18 -6.41 18.80
CA LEU A 49 -3.26 -5.60 18.02
C LEU A 49 -1.87 -6.22 17.99
N HIS A 50 -1.11 -5.90 16.95
CA HIS A 50 0.29 -6.27 16.86
C HIS A 50 1.11 -5.03 16.56
N MET A 51 2.44 -5.19 16.54
CA MET A 51 3.32 -4.03 16.46
C MET A 51 3.16 -3.28 15.14
N GLY A 52 2.78 -3.98 14.08
CA GLY A 52 2.51 -3.29 12.83
C GLY A 52 1.32 -2.35 12.92
N HIS A 53 0.30 -2.74 13.68
CA HIS A 53 -0.85 -1.87 13.89
C HIS A 53 -0.46 -0.61 14.66
N VAL A 54 0.32 -0.78 15.74
CA VAL A 54 0.67 0.36 16.58
C VAL A 54 1.49 1.37 15.81
N ARG A 55 2.38 0.89 14.93
CA ARG A 55 3.20 1.81 14.14
C ARG A 55 2.35 2.59 13.15
N ASN A 56 1.42 1.92 12.48
CA ASN A 56 0.61 2.58 11.46
C ASN A 56 -0.26 3.67 12.07
N TYR A 57 -0.95 3.36 13.18
CA TYR A 57 -1.90 4.28 13.77
C TYR A 57 -1.22 5.35 14.62
N THR A 58 0.02 5.12 15.05
CA THR A 58 0.79 6.20 15.66
C THR A 58 1.24 7.21 14.61
N ILE A 59 1.65 6.72 13.43
CA ILE A 59 2.00 7.62 12.33
C ILE A 59 0.81 8.48 11.95
N GLY A 60 -0.37 7.86 11.83
CA GLY A 60 -1.57 8.60 11.51
C GLY A 60 -1.97 9.58 12.60
N ASP A 61 -1.75 9.23 13.86
CA ASP A 61 -2.12 10.13 14.95
C ASP A 61 -1.17 11.31 15.06
N VAL A 62 0.12 11.10 14.76
CA VAL A 62 1.08 12.20 14.76
C VAL A 62 0.67 13.24 13.72
N LEU A 63 0.32 12.80 12.52
CA LEU A 63 -0.09 13.72 11.47
C LEU A 63 -1.43 14.37 11.79
N SER A 64 -2.34 13.63 12.43
CA SER A 64 -3.65 14.18 12.74
C SER A 64 -3.55 15.25 13.83
N ARG A 65 -2.82 14.95 14.90
CA ARG A 65 -2.64 15.93 15.96
C ARG A 65 -1.88 17.15 15.49
N PHE A 66 -0.99 16.98 14.50
CA PHE A 66 -0.26 18.11 13.95
C PHE A 66 -1.20 19.05 13.20
N LYS A 67 -2.04 18.51 12.32
CA LYS A 67 -3.03 19.32 11.63
C LYS A 67 -4.06 19.89 12.60
N LEU A 68 -4.36 19.16 13.67
CA LEU A 68 -5.29 19.68 14.68
C LEU A 68 -4.71 20.90 15.39
N LEU A 69 -3.40 20.88 15.68
CA LEU A 69 -2.77 22.01 16.35
C LEU A 69 -2.62 23.21 15.43
N ASN A 70 -2.77 23.01 14.13
CA ASN A 70 -2.69 24.11 13.16
C ASN A 70 -4.06 24.64 12.77
N GLY A 71 -5.11 24.26 13.49
CA GLY A 71 -6.43 24.82 13.26
C GLY A 71 -7.28 24.13 12.23
N PHE A 72 -6.96 22.90 11.85
CA PHE A 72 -7.74 22.16 10.87
C PHE A 72 -8.87 21.39 11.55
N ASN A 73 -9.94 21.17 10.79
CA ASN A 73 -11.05 20.31 11.21
C ASN A 73 -10.68 18.89 10.81
N VAL A 74 -9.99 18.19 11.71
CA VAL A 74 -9.35 16.92 11.38
C VAL A 74 -10.30 15.78 11.67
N MET A 75 -10.44 14.86 10.71
CA MET A 75 -11.20 13.63 10.89
C MET A 75 -10.24 12.46 10.74
N GLN A 76 -10.10 11.67 11.80
CA GLN A 76 -9.32 10.44 11.80
C GLN A 76 -10.23 9.30 12.22
N PRO A 77 -10.88 8.63 11.27
CA PRO A 77 -11.82 7.57 11.63
C PRO A 77 -11.17 6.20 11.74
N MET A 78 -11.86 5.32 12.48
CA MET A 78 -11.44 3.95 12.67
C MET A 78 -12.58 3.00 12.34
N GLY A 79 -12.21 1.78 11.94
CA GLY A 79 -13.20 0.79 11.60
C GLY A 79 -12.58 -0.59 11.57
N TRP A 80 -13.38 -1.57 11.16
CA TRP A 80 -12.98 -2.97 11.21
C TRP A 80 -13.28 -3.65 9.88
N ASP A 81 -12.24 -4.22 9.27
CA ASP A 81 -12.39 -5.01 8.05
C ASP A 81 -12.69 -6.45 8.46
N ALA A 82 -13.97 -6.70 8.74
CA ALA A 82 -14.37 -7.86 9.54
C ALA A 82 -14.53 -9.14 8.74
N PHE A 83 -14.89 -9.07 7.46
CA PHE A 83 -15.07 -10.28 6.68
C PHE A 83 -13.74 -10.90 6.30
N GLY A 84 -13.77 -12.21 6.04
CA GLY A 84 -12.57 -12.91 5.62
C GLY A 84 -12.45 -14.32 6.17
N MET A 85 -11.45 -15.05 5.70
CA MET A 85 -11.14 -16.41 6.12
C MET A 85 -10.70 -16.54 7.58
N PRO A 86 -9.98 -15.57 8.16
CA PRO A 86 -9.60 -15.71 9.58
C PRO A 86 -10.75 -16.09 10.51
N ALA A 87 -11.88 -15.40 10.43
CA ALA A 87 -13.01 -15.74 11.28
C ALA A 87 -13.56 -17.12 10.96
N GLU A 88 -13.47 -17.54 9.69
CA GLU A 88 -13.94 -18.87 9.31
C GLU A 88 -12.99 -19.97 9.77
N ASN A 89 -11.68 -19.70 9.79
CA ASN A 89 -10.72 -20.69 10.28
C ASN A 89 -10.82 -20.83 11.80
N ALA A 90 -10.91 -19.70 12.51
CA ALA A 90 -11.09 -19.78 13.96
C ALA A 90 -12.42 -20.40 14.33
N ALA A 91 -13.40 -20.32 13.42
CA ALA A 91 -14.67 -21.00 13.65
C ALA A 91 -14.50 -22.51 13.62
N MET A 92 -13.74 -23.02 12.65
CA MET A 92 -13.53 -24.46 12.53
C MET A 92 -12.70 -25.02 13.66
N LYS A 93 -11.90 -24.20 14.33
CA LYS A 93 -11.01 -24.67 15.39
C LYS A 93 -11.59 -24.51 16.78
N ASN A 94 -12.54 -23.59 16.98
CA ASN A 94 -13.10 -23.34 18.30
C ASN A 94 -14.59 -23.64 18.40
N ASN A 95 -15.22 -24.10 17.32
CA ASN A 95 -16.66 -24.40 17.31
CA ASN A 95 -16.66 -24.40 17.30
C ASN A 95 -17.47 -23.18 17.75
N VAL A 96 -17.17 -22.04 17.13
CA VAL A 96 -17.83 -20.78 17.45
C VAL A 96 -18.19 -20.09 16.14
N ALA A 97 -19.29 -19.34 16.17
CA ALA A 97 -19.70 -18.61 14.98
C ALA A 97 -18.68 -17.55 14.62
N PRO A 98 -18.40 -17.33 13.33
CA PRO A 98 -17.44 -16.28 12.94
C PRO A 98 -17.89 -14.89 13.36
N ALA A 99 -19.20 -14.64 13.42
CA ALA A 99 -19.68 -13.33 13.86
C ALA A 99 -19.39 -13.10 15.34
N ALA A 100 -19.70 -14.09 16.18
CA ALA A 100 -19.38 -13.98 17.60
C ALA A 100 -17.89 -13.85 17.83
N TRP A 101 -17.09 -14.61 17.09
CA TRP A 101 -15.63 -14.50 17.19
C TRP A 101 -15.15 -13.14 16.71
N THR A 102 -15.84 -12.54 15.73
CA THR A 102 -15.43 -11.25 15.21
C THR A 102 -15.79 -10.11 16.14
N TYR A 103 -17.00 -10.14 16.72
CA TYR A 103 -17.44 -9.04 17.56
C TYR A 103 -16.66 -8.98 18.88
N ASP A 104 -16.23 -10.13 19.39
CA ASP A 104 -15.42 -10.12 20.61
C ASP A 104 -14.05 -9.48 20.34
N ASN A 105 -13.44 -9.78 19.19
CA ASN A 105 -12.16 -9.17 18.86
C ASN A 105 -12.29 -7.67 18.65
N ILE A 106 -13.43 -7.23 18.08
CA ILE A 106 -13.63 -5.81 17.81
C ILE A 106 -13.64 -5.01 19.11
N GLU A 107 -14.38 -5.48 20.11
CA GLU A 107 -14.47 -4.75 21.37
C GLU A 107 -13.16 -4.78 22.13
N TYR A 108 -12.36 -5.83 21.96
CA TYR A 108 -11.08 -5.91 22.66
C TYR A 108 -10.03 -5.03 21.99
N MET A 109 -9.93 -5.09 20.66
CA MET A 109 -8.99 -4.24 19.95
C MET A 109 -9.38 -2.77 20.04
N LYS A 110 -10.68 -2.48 20.18
CA LYS A 110 -11.12 -1.11 20.40
C LYS A 110 -10.64 -0.59 21.76
N THR A 111 -10.61 -1.47 22.76
CA THR A 111 -10.10 -1.07 24.07
C THR A 111 -8.59 -0.78 23.99
N GLN A 112 -7.85 -1.59 23.24
CA GLN A 112 -6.42 -1.34 23.08
C GLN A 112 -6.16 -0.03 22.36
N LEU A 113 -6.90 0.25 21.29
CA LEU A 113 -6.69 1.49 20.54
C LEU A 113 -7.00 2.71 21.40
N LYS A 114 -8.02 2.61 22.26
CA LYS A 114 -8.32 3.70 23.17
C LYS A 114 -7.24 3.87 24.23
N SER A 115 -6.55 2.78 24.58
CA SER A 115 -5.49 2.87 25.59
C SER A 115 -4.27 3.59 25.04
N LEU A 116 -4.03 3.51 23.75
CA LEU A 116 -2.89 4.18 23.13
C LEU A 116 -3.10 5.68 22.95
N GLY A 117 -4.30 6.18 23.18
CA GLY A 117 -4.56 7.61 23.08
C GLY A 117 -4.64 8.15 21.68
N PHE A 118 -5.14 7.37 20.73
CA PHE A 118 -5.32 7.84 19.37
C PHE A 118 -6.53 8.77 19.29
N ALA A 119 -6.33 9.96 18.73
CA ALA A 119 -7.38 10.98 18.64
C ALA A 119 -8.25 10.67 17.42
N VAL A 120 -9.11 9.67 17.57
CA VAL A 120 -9.95 9.21 16.48
C VAL A 120 -11.41 9.52 16.81
N ASP A 121 -12.22 9.64 15.75
CA ASP A 121 -13.65 9.92 15.88
C ASP A 121 -14.38 8.60 15.97
N TRP A 122 -14.52 8.10 17.20
CA TRP A 122 -15.18 6.81 17.42
C TRP A 122 -16.67 6.84 17.10
N GLU A 123 -17.26 8.03 16.95
CA GLU A 123 -18.67 8.10 16.54
C GLU A 123 -18.87 7.77 15.07
N ARG A 124 -17.78 7.62 14.31
CA ARG A 124 -17.84 7.22 12.91
C ARG A 124 -17.33 5.79 12.71
N GLU A 125 -17.36 4.98 13.75
CA GLU A 125 -16.87 3.60 13.66
C GLU A 125 -17.80 2.76 12.81
N VAL A 126 -17.21 1.96 11.93
CA VAL A 126 -17.96 1.04 11.07
C VAL A 126 -17.40 -0.36 11.24
N ALA A 127 -18.24 -1.35 10.96
CA ALA A 127 -17.85 -2.75 10.94
C ALA A 127 -18.39 -3.36 9.66
N THR A 128 -17.50 -3.83 8.78
CA THR A 128 -17.91 -4.25 7.44
C THR A 128 -18.81 -5.48 7.45
N CYS A 129 -18.86 -6.22 8.55
CA CYS A 129 -19.72 -7.40 8.63
C CYS A 129 -21.13 -7.07 9.12
N LYS A 130 -21.43 -5.80 9.40
CA LYS A 130 -22.79 -5.48 9.79
C LYS A 130 -23.65 -5.23 8.55
N PRO A 131 -24.92 -5.67 8.57
CA PRO A 131 -25.80 -5.40 7.43
C PRO A 131 -25.98 -3.92 7.14
N GLU A 132 -25.86 -3.06 8.16
CA GLU A 132 -25.96 -1.62 7.93
C GLU A 132 -24.84 -1.10 7.05
N TYR A 133 -23.77 -1.87 6.86
CA TYR A 133 -22.65 -1.46 6.01
C TYR A 133 -22.73 -2.09 4.63
N TYR A 134 -22.71 -3.43 4.56
CA TYR A 134 -22.61 -4.09 3.26
C TYR A 134 -23.91 -4.07 2.47
N ARG A 135 -24.98 -3.47 3.01
CA ARG A 135 -26.20 -3.32 2.21
C ARG A 135 -25.96 -2.40 1.02
N TRP A 136 -25.01 -1.48 1.13
CA TRP A 136 -24.76 -0.50 0.09
C TRP A 136 -23.83 -1.00 -0.99
N GLU A 137 -22.89 -1.89 -0.66
CA GLU A 137 -22.10 -2.52 -1.72
C GLU A 137 -22.94 -3.55 -2.48
N GLN A 138 -23.91 -4.18 -1.80
CA GLN A 138 -24.92 -4.96 -2.50
C GLN A 138 -25.76 -4.08 -3.41
N TRP A 139 -26.06 -2.85 -2.95
CA TRP A 139 -26.82 -1.92 -3.78
C TRP A 139 -26.05 -1.54 -5.03
N LEU A 140 -24.80 -1.10 -4.86
CA LEU A 140 -23.98 -0.75 -6.01
C LEU A 140 -23.79 -1.94 -6.95
N PHE A 141 -23.72 -3.15 -6.38
CA PHE A 141 -23.64 -4.36 -7.20
C PHE A 141 -24.85 -4.47 -8.13
N THR A 142 -26.06 -4.30 -7.57
CA THR A 142 -27.27 -4.43 -8.37
C THR A 142 -27.33 -3.36 -9.46
N LYS A 143 -26.93 -2.13 -9.15
CA LYS A 143 -26.96 -1.06 -10.14
C LYS A 143 -25.95 -1.34 -11.25
N LEU A 144 -24.73 -1.73 -10.89
CA LEU A 144 -23.73 -2.05 -11.89
C LEU A 144 -24.03 -3.36 -12.61
N PHE A 145 -24.85 -4.23 -12.03
CA PHE A 145 -25.19 -5.49 -12.69
C PHE A 145 -26.14 -5.25 -13.85
N GLU A 146 -27.17 -4.41 -13.65
CA GLU A 146 -28.11 -4.10 -14.72
C GLU A 146 -27.48 -3.19 -15.77
N LYS A 147 -26.37 -2.53 -15.45
CA LYS A 147 -25.66 -1.70 -16.40
C LYS A 147 -24.62 -2.47 -17.21
N GLY A 148 -24.29 -3.69 -16.82
CA GLY A 148 -23.29 -4.47 -17.50
C GLY A 148 -21.89 -4.36 -16.94
N ILE A 149 -21.64 -3.38 -16.06
CA ILE A 149 -20.32 -3.26 -15.44
C ILE A 149 -20.01 -4.49 -14.61
N VAL A 150 -21.03 -5.11 -14.03
CA VAL A 150 -20.92 -6.41 -13.37
C VAL A 150 -21.66 -7.43 -14.21
N TYR A 151 -20.97 -8.50 -14.60
CA TYR A 151 -21.54 -9.54 -15.43
C TYR A 151 -21.19 -10.91 -14.84
N ARG A 152 -21.77 -11.95 -15.43
CA ARG A 152 -21.64 -13.31 -14.93
C ARG A 152 -21.28 -14.22 -16.09
N LYS A 153 -20.14 -14.90 -15.99
CA LYS A 153 -19.72 -15.87 -17.00
C LYS A 153 -18.90 -16.96 -16.32
N ASN A 154 -18.71 -18.06 -17.06
CA ASN A 154 -17.97 -19.19 -16.51
C ASN A 154 -16.48 -18.88 -16.41
N GLY A 155 -15.89 -19.31 -15.31
CA GLY A 155 -14.46 -19.12 -15.11
C GLY A 155 -13.85 -20.38 -14.50
N THR A 156 -12.57 -20.59 -14.81
CA THR A 156 -11.85 -21.76 -14.34
C THR A 156 -11.30 -21.50 -12.94
N VAL A 157 -11.48 -22.48 -12.04
CA VAL A 157 -11.01 -22.39 -10.67
C VAL A 157 -10.25 -23.66 -10.33
N ASN A 158 -9.53 -23.62 -9.21
CA ASN A 158 -8.79 -24.76 -8.69
C ASN A 158 -9.60 -25.38 -7.56
N TRP A 159 -10.08 -26.60 -7.78
CA TRP A 159 -10.93 -27.29 -6.83
C TRP A 159 -10.14 -28.36 -6.09
N ASP A 160 -10.27 -28.38 -4.77
CA ASP A 160 -9.64 -29.41 -3.95
C ASP A 160 -10.67 -30.47 -3.63
N PRO A 161 -10.57 -31.69 -4.17
CA PRO A 161 -11.61 -32.70 -3.92
C PRO A 161 -11.63 -33.24 -2.50
N VAL A 162 -10.64 -32.93 -1.68
CA VAL A 162 -10.60 -33.40 -0.29
C VAL A 162 -11.09 -32.34 0.67
N ASP A 163 -10.57 -31.12 0.56
CA ASP A 163 -11.00 -30.03 1.43
C ASP A 163 -12.32 -29.40 1.00
N GLN A 164 -12.79 -29.69 -0.22
CA GLN A 164 -14.08 -29.22 -0.71
C GLN A 164 -14.15 -27.69 -0.72
N THR A 165 -13.16 -27.07 -1.34
CA THR A 165 -13.12 -25.61 -1.42
C THR A 165 -12.28 -25.20 -2.62
N VAL A 166 -12.33 -23.90 -2.93
CA VAL A 166 -11.60 -23.32 -4.05
C VAL A 166 -10.30 -22.73 -3.53
N LEU A 167 -9.20 -23.02 -4.22
CA LEU A 167 -7.88 -22.53 -3.84
C LEU A 167 -7.33 -21.63 -4.93
N ALA A 168 -6.55 -20.64 -4.51
CA ALA A 168 -5.89 -19.74 -5.45
C ALA A 168 -4.57 -20.37 -5.93
N ASN A 169 -4.00 -19.77 -6.98
CA ASN A 169 -2.73 -20.28 -7.50
C ASN A 169 -1.61 -20.14 -6.49
N GLU A 170 -1.72 -19.19 -5.56
CA GLU A 170 -0.72 -19.08 -4.49
C GLU A 170 -0.84 -20.21 -3.49
N GLN A 171 -1.94 -20.96 -3.50
CA GLN A 171 -2.18 -22.06 -2.56
C GLN A 171 -2.05 -23.42 -3.23
N VAL A 172 -1.43 -23.48 -4.42
CA VAL A 172 -1.25 -24.71 -5.17
C VAL A 172 0.24 -24.98 -5.27
N ILE A 173 0.70 -26.04 -4.62
CA ILE A 173 2.10 -26.43 -4.60
C ILE A 173 2.25 -27.73 -5.38
N ASP A 174 2.95 -27.66 -6.52
CA ASP A 174 3.22 -28.82 -7.37
C ASP A 174 1.92 -29.49 -7.80
N GLY A 175 0.91 -28.65 -8.02
CA GLY A 175 -0.40 -29.10 -8.46
C GLY A 175 -1.26 -29.71 -7.39
N ARG A 176 -0.96 -29.46 -6.12
CA ARG A 176 -1.71 -30.02 -5.01
C ARG A 176 -2.04 -28.93 -3.99
N GLY A 177 -3.06 -29.19 -3.18
CA GLY A 177 -3.44 -28.25 -2.15
C GLY A 177 -2.42 -28.17 -1.03
N TRP A 178 -2.41 -27.02 -0.35
CA TRP A 178 -1.44 -26.80 0.72
C TRP A 178 -1.77 -27.63 1.95
N ARG A 179 -3.05 -27.70 2.33
CA ARG A 179 -3.46 -28.45 3.51
C ARG A 179 -3.75 -29.92 3.17
N SER A 180 -4.65 -30.15 2.21
CA SER A 180 -5.05 -31.51 1.87
C SER A 180 -3.90 -32.27 1.21
N GLY A 181 -3.19 -31.63 0.29
CA GLY A 181 -2.15 -32.30 -0.47
C GLY A 181 -2.67 -33.10 -1.65
N ALA A 182 -3.96 -33.06 -1.93
CA ALA A 182 -4.53 -33.81 -3.04
C ALA A 182 -4.37 -33.03 -4.34
N LEU A 183 -4.31 -33.76 -5.45
CA LEU A 183 -4.22 -33.15 -6.76
C LEU A 183 -5.45 -32.28 -7.02
N ILE A 184 -5.23 -30.99 -7.26
CA ILE A 184 -6.34 -30.08 -7.48
C ILE A 184 -6.97 -30.35 -8.85
N GLU A 185 -8.26 -30.06 -8.95
CA GLU A 185 -9.01 -30.22 -10.18
C GLU A 185 -9.44 -28.86 -10.72
N LYS A 186 -9.32 -28.68 -12.03
CA LYS A 186 -9.66 -27.43 -12.69
C LYS A 186 -11.06 -27.54 -13.26
N ARG A 187 -12.00 -26.79 -12.68
CA ARG A 187 -13.39 -26.78 -13.11
C ARG A 187 -13.79 -25.39 -13.57
N GLU A 188 -14.72 -25.34 -14.52
CA GLU A 188 -15.33 -24.09 -14.95
C GLU A 188 -16.65 -23.90 -14.22
N ILE A 189 -16.75 -22.83 -13.44
CA ILE A 189 -17.99 -22.52 -12.73
C ILE A 189 -18.38 -21.09 -13.05
N PRO A 190 -19.68 -20.77 -13.10
CA PRO A 190 -20.09 -19.38 -13.34
C PRO A 190 -19.74 -18.50 -12.16
N MET A 191 -19.15 -17.34 -12.45
CA MET A 191 -18.75 -16.38 -11.43
C MET A 191 -19.06 -14.97 -11.92
N TYR A 192 -18.97 -14.02 -11.00
CA TYR A 192 -19.26 -12.63 -11.29
C TYR A 192 -17.98 -11.83 -11.43
N TYR A 193 -18.02 -10.79 -12.27
CA TYR A 193 -16.84 -10.02 -12.59
C TYR A 193 -17.16 -8.54 -12.68
N PHE A 194 -16.28 -7.71 -12.12
CA PHE A 194 -16.30 -6.27 -12.35
C PHE A 194 -15.52 -5.98 -13.62
N LYS A 195 -16.19 -5.40 -14.62
CA LYS A 195 -15.53 -5.10 -15.89
C LYS A 195 -14.57 -3.93 -15.71
N ILE A 196 -13.49 -4.16 -14.95
CA ILE A 196 -12.54 -3.10 -14.66
C ILE A 196 -11.75 -2.68 -15.89
N THR A 197 -11.72 -3.52 -16.93
CA THR A 197 -10.98 -3.17 -18.14
C THR A 197 -11.58 -1.98 -18.85
N ASP A 198 -12.88 -1.72 -18.66
CA ASP A 198 -13.50 -0.53 -19.24
C ASP A 198 -12.90 0.74 -18.67
N TYR A 199 -12.34 0.71 -17.47
CA TYR A 199 -11.74 1.86 -16.83
C TYR A 199 -10.21 1.80 -16.83
N ALA A 200 -9.63 0.95 -17.69
CA ALA A 200 -8.19 0.74 -17.65
C ALA A 200 -7.42 2.00 -18.01
N GLU A 201 -7.83 2.66 -19.10
CA GLU A 201 -7.13 3.88 -19.53
C GLU A 201 -7.33 5.01 -18.55
N GLU A 202 -8.51 5.10 -17.93
CA GLU A 202 -8.74 6.15 -16.93
C GLU A 202 -7.93 5.89 -15.67
N LEU A 203 -7.88 4.63 -15.22
CA LEU A 203 -7.09 4.28 -14.05
C LEU A 203 -5.60 4.48 -14.30
N LEU A 204 -5.16 4.44 -15.57
CA LEU A 204 -3.76 4.62 -15.88
C LEU A 204 -3.38 6.09 -15.96
N ASN A 205 -4.18 6.89 -16.66
CA ASN A 205 -3.83 8.29 -16.90
C ASN A 205 -4.02 9.15 -15.65
N ASP A 206 -5.01 8.83 -14.82
CA ASP A 206 -5.25 9.62 -13.62
C ASP A 206 -4.15 9.46 -12.58
N LEU A 207 -3.28 8.46 -12.74
CA LEU A 207 -2.12 8.34 -11.86
C LEU A 207 -1.22 9.57 -11.95
N ASP A 208 -1.17 10.21 -13.12
CA ASP A 208 -0.35 11.40 -13.29
C ASP A 208 -0.82 12.55 -12.41
N LYS A 209 -2.09 12.54 -11.98
CA LYS A 209 -2.58 13.57 -11.08
C LYS A 209 -2.02 13.41 -9.67
N LEU A 210 -1.57 12.20 -9.31
CA LEU A 210 -1.13 11.90 -7.95
C LEU A 210 0.30 12.40 -7.75
N GLU A 211 0.42 13.73 -7.65
CA GLU A 211 1.74 14.35 -7.48
C GLU A 211 2.34 14.07 -6.12
N HIS A 212 1.53 13.74 -5.12
CA HIS A 212 2.01 13.44 -3.78
C HIS A 212 1.90 11.95 -3.46
N TRP A 213 2.20 11.12 -4.45
CA TRP A 213 2.24 9.67 -4.34
C TRP A 213 3.67 9.18 -4.55
N PRO A 214 4.10 8.14 -3.82
CA PRO A 214 5.41 7.55 -4.09
C PRO A 214 5.49 7.04 -5.52
N GLU A 215 6.55 7.42 -6.22
CA GLU A 215 6.66 7.11 -7.64
C GLU A 215 6.70 5.61 -7.89
N GLN A 216 7.23 4.83 -6.94
CA GLN A 216 7.25 3.38 -7.13
C GLN A 216 5.85 2.79 -7.07
N VAL A 217 4.95 3.40 -6.30
CA VAL A 217 3.57 2.92 -6.25
C VAL A 217 2.86 3.19 -7.57
N LYS A 218 3.02 4.40 -8.10
CA LYS A 218 2.46 4.71 -9.41
C LYS A 218 3.06 3.81 -10.48
N THR A 219 4.36 3.55 -10.41
CA THR A 219 5.00 2.65 -11.37
C THR A 219 4.48 1.23 -11.23
N MET A 220 4.22 0.78 -10.01
CA MET A 220 3.70 -0.57 -9.80
C MET A 220 2.29 -0.72 -10.36
N GLN A 221 1.49 0.35 -10.35
CA GLN A 221 0.15 0.27 -10.91
C GLN A 221 0.16 0.34 -12.43
N ARG A 222 1.08 1.10 -13.02
CA ARG A 222 1.16 1.16 -14.48
C ARG A 222 1.56 -0.20 -15.06
N ASN A 223 2.52 -0.88 -14.42
CA ASN A 223 2.93 -2.19 -14.91
C ASN A 223 1.83 -3.22 -14.75
N TRP A 224 1.04 -3.12 -13.67
CA TRP A 224 -0.05 -4.06 -13.47
C TRP A 224 -1.16 -3.85 -14.50
N ILE A 225 -1.50 -2.59 -14.79
CA ILE A 225 -2.41 -2.29 -15.88
C ILE A 225 -1.81 -2.74 -17.21
N GLY A 226 -0.54 -2.42 -17.42
CA GLY A 226 0.22 -2.93 -18.55
C GLY A 226 -0.32 -2.55 -19.91
N LYS A 227 -0.56 -1.26 -20.14
CA LYS A 227 -0.95 -0.81 -21.46
C LYS A 227 0.23 -0.89 -22.42
N SER A 228 -0.04 -1.36 -23.63
CA SER A 228 0.98 -1.46 -24.66
C SER A 228 0.36 -1.12 -26.00
N ARG A 229 1.02 -0.24 -26.75
CA ARG A 229 0.61 0.13 -28.10
C ARG A 229 1.44 -0.69 -29.08
N GLY A 230 0.87 -1.79 -29.56
CA GLY A 230 1.59 -2.68 -30.45
C GLY A 230 0.93 -2.86 -31.79
N MET A 231 1.15 -4.02 -32.41
CA MET A 231 0.66 -4.30 -33.74
C MET A 231 0.09 -5.71 -33.80
N THR A 232 -1.05 -5.86 -34.44
CA THR A 232 -1.60 -7.17 -34.76
C THR A 232 -1.02 -7.59 -36.11
N VAL A 233 -0.40 -8.77 -36.15
CA VAL A 233 0.24 -9.29 -37.36
C VAL A 233 -0.33 -10.66 -37.65
N ARG A 234 -0.63 -10.91 -38.93
CA ARG A 234 -1.19 -12.18 -39.38
C ARG A 234 -0.18 -12.86 -40.30
N PHE A 235 0.25 -14.05 -39.90
CA PHE A 235 1.20 -14.85 -40.67
C PHE A 235 0.42 -15.91 -41.45
N ALA A 236 0.53 -15.87 -42.78
CA ALA A 236 -0.19 -16.83 -43.61
C ALA A 236 0.32 -18.25 -43.37
N VAL A 237 -0.61 -19.16 -43.11
CA VAL A 237 -0.24 -20.56 -42.89
C VAL A 237 0.21 -21.17 -44.21
N SER A 238 1.34 -21.86 -44.19
CA SER A 238 1.86 -22.50 -45.39
C SER A 238 0.90 -23.60 -45.85
N ASP A 239 0.86 -23.81 -47.17
CA ASP A 239 -0.07 -24.77 -47.75
C ASP A 239 0.21 -26.21 -47.31
N ASP A 240 1.42 -26.48 -46.81
CA ASP A 240 1.78 -27.81 -46.33
C ASP A 240 1.50 -27.99 -44.84
N SER A 241 0.77 -27.07 -44.21
CA SER A 241 0.55 -27.11 -42.77
C SER A 241 -0.89 -26.78 -42.41
N LYS A 242 -1.84 -27.07 -43.30
CA LYS A 242 -3.24 -26.72 -43.08
C LYS A 242 -4.11 -27.91 -42.69
N GLN A 243 -3.50 -29.08 -42.47
CA GLN A 243 -4.29 -30.26 -42.10
C GLN A 243 -4.84 -30.10 -40.69
N GLY A 244 -6.15 -30.34 -40.55
CA GLY A 244 -6.81 -30.28 -39.26
C GLY A 244 -7.34 -28.92 -38.86
N LEU A 245 -7.02 -27.88 -39.62
CA LEU A 245 -7.44 -26.52 -39.30
C LEU A 245 -8.70 -26.14 -40.06
N GLU A 246 -9.53 -25.33 -39.42
CA GLU A 246 -10.78 -24.88 -40.02
C GLU A 246 -10.99 -23.40 -39.74
N GLY A 247 -11.64 -22.72 -40.69
CA GLY A 247 -11.92 -21.31 -40.55
C GLY A 247 -10.72 -20.43 -40.79
N ASP A 248 -10.60 -19.35 -40.02
CA ASP A 248 -9.46 -18.44 -40.17
C ASP A 248 -8.16 -19.09 -39.71
N TYR A 249 -8.22 -20.11 -38.86
CA TYR A 249 -7.00 -20.78 -38.42
C TYR A 249 -6.35 -21.58 -39.53
N ALA A 250 -7.09 -21.93 -40.58
CA ALA A 250 -6.51 -22.52 -41.76
C ALA A 250 -5.96 -21.49 -42.74
N LYS A 251 -6.30 -20.21 -42.55
CA LYS A 251 -5.83 -19.15 -43.43
C LYS A 251 -4.55 -18.50 -42.93
N PHE A 252 -4.49 -18.16 -41.64
CA PHE A 252 -3.35 -17.42 -41.11
C PHE A 252 -3.22 -17.69 -39.62
N LEU A 253 -2.08 -17.30 -39.08
CA LEU A 253 -1.81 -17.31 -37.63
C LEU A 253 -1.65 -15.87 -37.18
N GLN A 254 -2.60 -15.39 -36.38
CA GLN A 254 -2.59 -14.00 -35.92
C GLN A 254 -1.88 -13.90 -34.58
N VAL A 255 -0.95 -12.96 -34.47
CA VAL A 255 -0.20 -12.69 -33.25
C VAL A 255 -0.28 -11.20 -32.95
N TYR A 256 0.11 -10.86 -31.72
CA TYR A 256 0.23 -9.47 -31.29
C TYR A 256 1.65 -9.24 -30.79
N THR A 257 2.24 -8.13 -31.20
CA THR A 257 3.59 -7.78 -30.82
C THR A 257 3.69 -6.28 -30.55
N THR A 258 4.51 -5.92 -29.56
CA THR A 258 4.80 -4.54 -29.25
C THR A 258 6.08 -4.05 -29.91
N ARG A 259 6.75 -4.91 -30.67
CA ARG A 259 7.97 -4.56 -31.38
C ARG A 259 7.83 -4.93 -32.86
N PRO A 260 6.95 -4.24 -33.60
CA PRO A 260 6.82 -4.53 -35.03
C PRO A 260 7.97 -3.99 -35.86
N ASP A 261 8.81 -3.12 -35.30
CA ASP A 261 10.02 -2.69 -35.99
C ASP A 261 11.01 -3.82 -36.17
N THR A 262 10.86 -4.90 -35.41
CA THR A 262 11.73 -6.07 -35.51
C THR A 262 11.03 -7.25 -36.18
N LEU A 263 10.01 -6.98 -37.01
CA LEU A 263 9.32 -8.05 -37.70
C LEU A 263 10.24 -8.79 -38.66
N MET A 264 11.23 -8.08 -39.23
CA MET A 264 12.19 -8.72 -40.12
C MET A 264 13.09 -9.71 -39.39
N GLY A 265 13.16 -9.63 -38.06
CA GLY A 265 14.00 -10.50 -37.26
C GLY A 265 13.30 -11.69 -36.65
N ALA A 266 12.02 -11.90 -36.94
CA ALA A 266 11.30 -13.05 -36.41
C ALA A 266 11.84 -14.33 -37.02
N THR A 267 12.31 -15.25 -36.18
CA THR A 267 12.84 -16.53 -36.63
C THR A 267 11.93 -17.71 -36.35
N TYR A 268 10.91 -17.53 -35.50
CA TYR A 268 9.93 -18.57 -35.22
C TYR A 268 8.78 -17.92 -34.47
N VAL A 269 7.66 -18.65 -34.38
CA VAL A 269 6.48 -18.18 -33.66
C VAL A 269 6.07 -19.25 -32.65
N ALA A 270 5.33 -18.82 -31.63
CA ALA A 270 4.89 -19.69 -30.56
C ALA A 270 3.42 -19.47 -30.29
N VAL A 271 2.69 -20.57 -30.05
CA VAL A 271 1.27 -20.52 -29.75
C VAL A 271 1.03 -21.14 -28.37
N ALA A 272 -0.16 -20.91 -27.84
CA ALA A 272 -0.54 -21.49 -26.57
C ALA A 272 -0.93 -22.95 -26.75
N ALA A 273 -1.05 -23.66 -25.62
CA ALA A 273 -1.39 -25.08 -25.67
C ALA A 273 -2.81 -25.29 -26.17
N GLU A 274 -3.72 -24.36 -25.90
CA GLU A 274 -5.10 -24.45 -26.35
C GLU A 274 -5.31 -23.87 -27.75
N HIS A 275 -4.25 -23.42 -28.41
CA HIS A 275 -4.40 -22.85 -29.75
C HIS A 275 -4.77 -23.95 -30.74
N PRO A 276 -5.66 -23.67 -31.70
CA PRO A 276 -6.02 -24.70 -32.68
C PRO A 276 -4.85 -25.23 -33.49
N LEU A 277 -3.82 -24.41 -33.72
CA LEU A 277 -2.61 -24.90 -34.38
C LEU A 277 -1.93 -25.98 -33.54
N ALA A 278 -1.89 -25.79 -32.22
CA ALA A 278 -1.34 -26.82 -31.34
C ALA A 278 -2.24 -28.05 -31.32
N THR A 279 -3.55 -27.87 -31.45
CA THR A 279 -4.46 -29.00 -31.43
C THR A 279 -4.31 -29.85 -32.69
N ALA A 280 -4.21 -29.22 -33.85
CA ALA A 280 -4.12 -29.97 -35.10
C ALA A 280 -2.78 -30.66 -35.23
N ALA A 281 -1.69 -30.02 -34.80
CA ALA A 281 -0.37 -30.60 -34.94
C ALA A 281 -0.15 -31.76 -33.96
N ALA A 282 -0.76 -31.68 -32.78
CA ALA A 282 -0.60 -32.72 -31.76
C ALA A 282 -1.53 -33.90 -31.98
N ALA A 283 -2.41 -33.84 -32.99
CA ALA A 283 -3.40 -34.90 -33.17
C ALA A 283 -2.78 -36.26 -33.46
N ASP A 284 -1.53 -36.29 -33.93
CA ASP A 284 -0.86 -37.55 -34.23
C ASP A 284 0.56 -37.59 -33.67
N LYS A 285 0.85 -36.80 -32.65
CA LYS A 285 2.16 -36.78 -32.01
C LYS A 285 1.99 -36.90 -30.50
N PRO A 286 2.37 -38.02 -29.89
CA PRO A 286 2.16 -38.17 -28.44
C PRO A 286 2.98 -37.20 -27.60
N GLU A 287 4.17 -36.83 -28.05
CA GLU A 287 5.01 -35.93 -27.27
C GLU A 287 4.38 -34.54 -27.14
N LEU A 288 3.63 -34.12 -28.15
CA LEU A 288 2.96 -32.82 -28.08
C LEU A 288 1.71 -32.89 -27.22
N GLN A 289 0.99 -34.02 -27.25
CA GLN A 289 -0.19 -34.18 -26.40
C GLN A 289 0.19 -34.14 -24.93
N ALA A 290 1.34 -34.73 -24.58
CA ALA A 290 1.81 -34.67 -23.20
C ALA A 290 2.25 -33.26 -22.82
N PHE A 291 2.77 -32.49 -23.78
CA PHE A 291 3.17 -31.11 -23.49
C PHE A 291 1.94 -30.21 -23.36
N ILE A 292 0.91 -30.47 -24.17
CA ILE A 292 -0.33 -29.69 -24.04
C ILE A 292 -1.02 -29.99 -22.72
N ALA A 293 -1.01 -31.25 -22.29
CA ALA A 293 -1.63 -31.61 -21.01
C ALA A 293 -0.83 -31.06 -19.83
N GLU A 294 0.49 -30.93 -19.97
CA GLU A 294 1.29 -30.39 -18.89
C GLU A 294 1.07 -28.88 -18.73
N CYS A 295 0.86 -28.16 -19.84
CA CYS A 295 0.57 -26.74 -19.75
C CYS A 295 -0.79 -26.48 -19.13
N LYS A 296 -1.79 -27.28 -19.49
CA LYS A 296 -3.13 -27.08 -18.96
C LYS A 296 -3.20 -27.40 -17.46
N ALA A 297 -2.32 -28.25 -16.97
CA ALA A 297 -2.31 -28.64 -15.56
C ALA A 297 -1.45 -27.70 -14.71
N GLY A 298 -0.98 -26.58 -15.27
CA GLY A 298 -0.17 -25.65 -14.52
C GLY A 298 -0.99 -24.63 -13.74
N SER A 299 -0.33 -24.00 -12.77
CA SER A 299 -0.95 -22.99 -11.92
C SER A 299 0.13 -21.98 -11.52
N VAL A 300 0.59 -21.21 -12.51
CA VAL A 300 1.66 -20.23 -12.30
C VAL A 300 1.02 -18.86 -12.12
N ALA A 301 1.19 -18.28 -10.95
CA ALA A 301 0.67 -16.95 -10.68
C ALA A 301 1.59 -15.88 -11.28
N GLU A 302 1.03 -14.68 -11.47
CA GLU A 302 1.81 -13.59 -12.04
C GLU A 302 2.91 -13.11 -11.10
N ALA A 303 2.78 -13.40 -9.79
CA ALA A 303 3.85 -13.09 -8.85
C ALA A 303 5.09 -13.93 -9.07
N ASP A 304 5.02 -14.97 -9.91
CA ASP A 304 6.19 -15.78 -10.23
C ASP A 304 6.12 -16.38 -11.64
N MET A 305 5.30 -15.81 -12.54
CA MET A 305 5.21 -16.34 -13.89
C MET A 305 6.45 -16.05 -14.72
N ALA A 306 7.25 -15.06 -14.34
CA ALA A 306 8.52 -14.81 -15.01
C ALA A 306 9.64 -15.71 -14.50
N THR A 307 9.54 -16.19 -13.26
CA THR A 307 10.48 -17.17 -12.73
C THR A 307 10.17 -18.59 -13.21
N MET A 308 9.15 -18.77 -14.02
CA MET A 308 8.82 -20.08 -14.57
C MET A 308 9.83 -20.48 -15.63
N GLU A 309 10.24 -21.74 -15.62
CA GLU A 309 11.17 -22.27 -16.61
C GLU A 309 10.47 -22.36 -17.95
N LYS A 310 10.78 -21.44 -18.86
CA LYS A 310 10.15 -21.44 -20.18
C LYS A 310 10.65 -22.62 -21.00
N LYS A 311 9.73 -23.28 -21.69
CA LYS A 311 10.07 -24.45 -22.49
C LYS A 311 9.05 -24.59 -23.61
N GLY A 312 9.44 -25.29 -24.67
CA GLY A 312 8.60 -25.45 -25.83
C GLY A 312 8.91 -26.72 -26.59
N VAL A 313 8.12 -26.96 -27.63
CA VAL A 313 8.26 -28.14 -28.48
C VAL A 313 7.81 -27.78 -29.90
N PRO A 314 8.58 -28.14 -30.92
CA PRO A 314 8.15 -27.83 -32.29
C PRO A 314 6.93 -28.65 -32.69
N THR A 315 6.20 -28.12 -33.68
CA THR A 315 4.96 -28.74 -34.14
C THR A 315 5.06 -29.36 -35.53
N GLY A 316 5.95 -28.85 -36.38
CA GLY A 316 6.04 -29.29 -37.75
C GLY A 316 5.29 -28.41 -38.73
N ARG A 317 4.39 -27.55 -38.25
CA ARG A 317 3.67 -26.61 -39.09
C ARG A 317 4.50 -25.36 -39.31
N TYR A 318 4.19 -24.65 -40.40
CA TYR A 318 4.95 -23.48 -40.78
C TYR A 318 4.02 -22.36 -41.22
N VAL A 319 4.40 -21.12 -40.90
CA VAL A 319 3.69 -19.92 -41.33
C VAL A 319 4.66 -19.06 -42.12
N VAL A 320 4.12 -18.01 -42.74
CA VAL A 320 4.88 -17.14 -43.63
C VAL A 320 4.90 -15.74 -43.03
N ASN A 321 6.10 -15.19 -42.91
CA ASN A 321 6.24 -13.79 -42.53
C ASN A 321 5.82 -12.90 -43.69
N PRO A 322 4.77 -12.10 -43.56
CA PRO A 322 4.27 -11.28 -44.66
C PRO A 322 5.18 -10.12 -45.07
N LEU A 323 6.39 -9.98 -44.49
CA LEU A 323 7.26 -8.87 -44.82
C LEU A 323 8.59 -9.29 -45.45
N ASN A 324 8.91 -10.57 -45.45
CA ASN A 324 10.11 -11.05 -46.14
C ASN A 324 9.98 -12.45 -46.70
N GLY A 325 8.83 -13.11 -46.57
CA GLY A 325 8.67 -14.44 -47.14
C GLY A 325 9.33 -15.56 -46.36
N ASP A 326 9.91 -15.27 -45.20
CA ASP A 326 10.60 -16.29 -44.43
C ASP A 326 9.62 -17.32 -43.91
N LYS A 327 9.92 -18.60 -44.16
CA LYS A 327 9.11 -19.71 -43.66
C LYS A 327 9.50 -19.99 -42.22
N LEU A 328 8.60 -19.70 -41.29
CA LEU A 328 8.87 -19.81 -39.87
C LEU A 328 8.07 -20.95 -39.26
N GLU A 329 8.73 -21.74 -38.42
CA GLU A 329 8.06 -22.85 -37.76
C GLU A 329 7.36 -22.37 -36.49
N VAL A 330 6.21 -22.96 -36.20
CA VAL A 330 5.42 -22.61 -35.01
C VAL A 330 5.73 -23.62 -33.92
N TRP A 331 5.98 -23.11 -32.71
CA TRP A 331 6.22 -23.93 -31.54
C TRP A 331 5.05 -23.82 -30.57
N ILE A 332 4.89 -24.84 -29.74
CA ILE A 332 4.01 -24.77 -28.58
C ILE A 332 4.87 -24.36 -27.39
N ALA A 333 4.52 -23.24 -26.76
CA ALA A 333 5.29 -22.71 -25.64
C ALA A 333 4.43 -22.66 -24.39
N ASN A 334 5.10 -22.71 -23.24
CA ASN A 334 4.42 -22.71 -21.95
C ASN A 334 4.24 -21.32 -21.36
N TYR A 335 4.81 -20.29 -21.99
CA TYR A 335 4.61 -18.91 -21.53
C TYR A 335 3.54 -18.17 -22.32
N VAL A 336 3.10 -18.71 -23.45
CA VAL A 336 2.01 -18.12 -24.21
C VAL A 336 0.70 -18.51 -23.55
N LEU A 337 -0.03 -17.52 -23.05
CA LEU A 337 -1.23 -17.75 -22.27
C LEU A 337 -2.46 -17.58 -23.16
N TRP A 338 -3.29 -18.61 -23.22
CA TRP A 338 -4.55 -18.54 -23.96
C TRP A 338 -5.51 -17.62 -23.23
N GLY A 339 -5.96 -16.56 -23.92
CA GLY A 339 -6.75 -15.51 -23.31
C GLY A 339 -6.06 -14.15 -23.29
N TYR A 340 -4.74 -14.12 -23.47
CA TYR A 340 -3.99 -12.88 -23.58
C TYR A 340 -3.73 -12.62 -25.06
N GLY A 341 -4.42 -11.64 -25.63
CA GLY A 341 -4.25 -11.35 -27.04
C GLY A 341 -4.88 -12.43 -27.91
N ASP A 342 -4.08 -12.97 -28.83
CA ASP A 342 -4.54 -13.99 -29.76
C ASP A 342 -4.07 -15.39 -29.37
N GLY A 343 -3.50 -15.56 -28.18
CA GLY A 343 -2.95 -16.84 -27.80
C GLY A 343 -1.76 -17.27 -28.61
N ALA A 344 -1.08 -16.33 -29.27
CA ALA A 344 0.07 -16.64 -30.10
C ALA A 344 0.92 -15.38 -30.24
N VAL A 345 2.25 -15.57 -30.27
CA VAL A 345 3.19 -14.47 -30.38
C VAL A 345 4.29 -14.85 -31.36
N MET A 346 5.03 -13.85 -31.80
CA MET A 346 6.26 -14.05 -32.57
C MET A 346 7.46 -13.87 -31.66
N ALA A 347 8.60 -14.37 -32.12
CA ALA A 347 9.82 -14.37 -31.32
C ALA A 347 10.97 -13.75 -32.11
N VAL A 348 11.60 -12.74 -31.54
CA VAL A 348 12.80 -12.14 -32.12
C VAL A 348 13.94 -12.31 -31.11
N PRO A 349 14.70 -13.40 -31.18
CA PRO A 349 15.70 -13.67 -30.15
C PRO A 349 16.79 -12.62 -30.05
N ALA A 350 17.04 -11.86 -31.12
CA ALA A 350 18.14 -10.88 -31.10
C ALA A 350 17.80 -9.62 -30.31
N HIS A 351 16.53 -9.39 -29.97
CA HIS A 351 16.16 -8.14 -29.32
C HIS A 351 15.11 -8.32 -28.21
N ASP A 352 14.81 -9.56 -27.82
CA ASP A 352 13.94 -9.84 -26.69
C ASP A 352 14.64 -10.83 -25.79
N GLU A 353 14.83 -10.47 -24.52
CA GLU A 353 15.65 -11.28 -23.63
C GLU A 353 15.04 -12.66 -23.40
N ARG A 354 13.71 -12.73 -23.33
CA ARG A 354 13.07 -14.03 -23.16
C ARG A 354 13.23 -14.89 -24.42
N ASP A 355 13.06 -14.29 -25.60
CA ASP A 355 13.28 -15.05 -26.83
C ASP A 355 14.75 -15.39 -27.03
N PHE A 356 15.66 -14.57 -26.51
CA PHE A 356 17.08 -14.88 -26.58
C PHE A 356 17.38 -16.16 -25.81
N GLU A 357 16.95 -16.23 -24.55
CA GLU A 357 17.20 -17.42 -23.74
C GLU A 357 16.45 -18.62 -24.30
N PHE A 358 15.25 -18.42 -24.84
CA PHE A 358 14.49 -19.51 -25.42
C PHE A 358 15.20 -20.07 -26.65
N ALA A 359 15.74 -19.18 -27.50
CA ALA A 359 16.42 -19.65 -28.71
C ALA A 359 17.76 -20.29 -28.37
N ALA A 360 18.48 -19.72 -27.40
CA ALA A 360 19.76 -20.32 -26.99
C ALA A 360 19.54 -21.69 -26.37
N LYS A 361 18.35 -21.93 -25.83
CA LYS A 361 18.03 -23.24 -25.26
C LYS A 361 17.85 -24.29 -26.34
N TYR A 362 17.22 -23.92 -27.45
CA TYR A 362 16.90 -24.87 -28.52
C TYR A 362 17.71 -24.63 -29.78
N ASN A 363 18.76 -23.79 -29.72
CA ASN A 363 19.61 -23.49 -30.87
C ASN A 363 18.80 -22.97 -32.05
N LEU A 364 17.95 -21.98 -31.77
CA LEU A 364 17.13 -21.33 -32.78
C LEU A 364 17.82 -20.08 -33.29
N PRO A 365 17.60 -19.72 -34.56
CA PRO A 365 18.35 -18.61 -35.17
C PRO A 365 18.07 -17.28 -34.49
N LYS A 366 19.09 -16.43 -34.46
CA LYS A 366 18.99 -15.06 -33.96
C LYS A 366 19.39 -14.12 -35.09
N LYS A 367 18.45 -13.30 -35.54
CA LYS A 367 18.68 -12.39 -36.66
C LYS A 367 18.63 -10.95 -36.14
N GLN A 368 19.79 -10.29 -36.14
CA GLN A 368 19.85 -8.90 -35.73
C GLN A 368 19.18 -8.01 -36.77
N VAL A 369 18.28 -7.13 -36.31
CA VAL A 369 17.60 -6.21 -37.20
C VAL A 369 17.66 -4.79 -36.63
N ILE A 370 18.17 -4.67 -35.40
CA ILE A 370 18.32 -3.38 -34.74
C ILE A 370 19.79 -3.18 -34.38
N ALA A 371 20.30 -1.98 -34.62
CA ALA A 371 21.67 -1.61 -34.30
C ALA A 371 21.67 -0.27 -33.60
N VAL A 372 22.32 -0.19 -32.45
CA VAL A 372 22.40 1.03 -31.65
C VAL A 372 23.85 1.48 -31.68
N GLY A 373 24.18 2.39 -32.59
CA GLY A 373 25.54 2.87 -32.70
C GLY A 373 26.48 1.79 -33.22
N ASP A 374 27.76 1.98 -32.91
CA ASP A 374 28.81 1.04 -33.31
C ASP A 374 29.03 -0.07 -32.29
N ASN A 375 27.95 -0.53 -31.65
CA ASN A 375 28.06 -1.59 -30.66
C ASN A 375 28.12 -2.95 -31.35
N ALA A 376 29.06 -3.78 -30.92
CA ALA A 376 29.19 -5.12 -31.48
C ALA A 376 28.03 -6.01 -31.07
N PHE A 377 27.70 -6.96 -31.93
CA PHE A 377 26.60 -7.89 -31.70
C PHE A 377 27.18 -9.30 -31.52
N ASP A 378 27.11 -9.80 -30.30
CA ASP A 378 27.51 -11.18 -29.99
C ASP A 378 26.25 -12.02 -29.86
N ALA A 379 26.01 -12.90 -30.84
CA ALA A 379 24.80 -13.72 -30.83
C ALA A 379 24.78 -14.73 -29.69
N ASN A 380 25.93 -15.00 -29.07
CA ASN A 380 26.01 -15.93 -27.95
C ASN A 380 26.12 -15.23 -26.61
N ARG A 381 25.72 -13.96 -26.53
CA ARG A 381 25.80 -13.21 -25.27
C ARG A 381 24.80 -12.08 -25.33
N TRP A 382 23.82 -12.09 -24.43
CA TRP A 382 22.83 -11.02 -24.39
C TRP A 382 23.43 -9.76 -23.79
N GLN A 383 23.06 -8.62 -24.38
CA GLN A 383 23.45 -7.31 -23.87
C GLN A 383 22.22 -6.42 -23.80
N GLU A 384 22.26 -5.44 -22.88
CA GLU A 384 21.07 -4.64 -22.61
C GLU A 384 20.68 -3.78 -23.80
N TRP A 385 21.63 -3.42 -24.67
CA TRP A 385 21.30 -2.58 -25.80
C TRP A 385 20.53 -3.33 -26.88
N TYR A 386 20.40 -4.65 -26.78
CA TYR A 386 19.63 -5.40 -27.78
C TYR A 386 18.16 -4.99 -27.76
N GLY A 387 17.62 -4.71 -26.59
CA GLY A 387 16.22 -4.37 -26.46
C GLY A 387 15.93 -2.89 -26.44
N ASP A 388 16.87 -2.09 -26.95
CA ASP A 388 16.70 -0.64 -26.96
C ASP A 388 15.80 -0.22 -28.11
N LYS A 389 14.92 0.74 -27.83
CA LYS A 389 14.01 1.29 -28.83
C LYS A 389 14.28 2.75 -29.16
N GLU A 390 14.68 3.55 -28.17
CA GLU A 390 14.80 4.99 -28.39
C GLU A 390 15.99 5.33 -29.29
N ASN A 391 17.13 4.68 -29.06
CA ASN A 391 18.36 5.03 -29.76
C ASN A 391 18.86 3.89 -30.64
N GLY A 392 18.07 3.50 -31.63
CA GLY A 392 18.46 2.42 -32.51
C GLY A 392 17.88 2.60 -33.90
N VAL A 393 18.62 2.12 -34.90
CA VAL A 393 18.18 2.14 -36.28
C VAL A 393 18.13 0.72 -36.80
N LEU A 394 17.33 0.51 -37.84
CA LEU A 394 17.11 -0.83 -38.37
C LEU A 394 18.23 -1.23 -39.31
N VAL A 395 18.60 -2.52 -39.25
CA VAL A 395 19.59 -3.11 -40.14
C VAL A 395 19.06 -4.47 -40.60
N ASN A 396 19.63 -4.96 -41.71
CA ASN A 396 19.24 -6.24 -42.29
C ASN A 396 17.74 -6.34 -42.52
N SER A 397 17.09 -5.19 -42.73
CA SER A 397 15.64 -5.13 -42.87
C SER A 397 15.20 -4.69 -44.26
N GLY A 398 16.09 -4.72 -45.25
CA GLY A 398 15.72 -4.33 -46.60
C GLY A 398 15.53 -2.84 -46.76
N ASP A 399 14.31 -2.43 -47.09
CA ASP A 399 13.99 -1.02 -47.30
C ASP A 399 13.62 -0.30 -46.02
N LEU A 400 13.72 -0.96 -44.87
CA LEU A 400 13.43 -0.34 -43.58
C LEU A 400 14.68 0.13 -42.84
N ASP A 401 15.85 -0.02 -43.45
CA ASP A 401 17.10 0.34 -42.78
C ASP A 401 17.21 1.84 -42.61
N GLY A 402 17.76 2.26 -41.47
CA GLY A 402 17.97 3.65 -41.16
C GLY A 402 16.88 4.29 -40.32
N LEU A 403 15.68 3.71 -40.29
CA LEU A 403 14.58 4.26 -39.54
C LEU A 403 14.74 3.98 -38.05
N ASP A 404 14.25 4.90 -37.23
CA ASP A 404 14.23 4.69 -35.79
C ASP A 404 13.01 3.86 -35.42
N PHE A 405 12.66 3.80 -34.14
CA PHE A 405 11.56 2.95 -33.71
C PHE A 405 10.22 3.45 -34.22
N GLN A 406 9.90 4.71 -33.95
CA GLN A 406 8.55 5.21 -34.22
C GLN A 406 8.28 5.27 -35.73
N THR A 407 9.25 5.72 -36.52
CA THR A 407 9.04 5.80 -37.96
C THR A 407 8.94 4.42 -38.59
N ALA A 408 9.67 3.44 -38.06
CA ALA A 408 9.52 2.07 -38.55
C ALA A 408 8.21 1.46 -38.10
N PHE A 409 7.69 1.88 -36.94
CA PHE A 409 6.38 1.42 -36.49
C PHE A 409 5.31 1.78 -37.50
N ASP A 410 5.25 3.05 -37.90
CA ASP A 410 4.27 3.47 -38.91
C ASP A 410 4.59 2.88 -40.27
N ALA A 411 5.86 2.62 -40.56
CA ALA A 411 6.23 2.04 -41.85
C ALA A 411 5.76 0.60 -41.96
N VAL A 412 5.93 -0.19 -40.90
CA VAL A 412 5.45 -1.57 -40.91
C VAL A 412 3.93 -1.60 -40.93
N ALA A 413 3.30 -0.69 -40.18
CA ALA A 413 1.84 -0.61 -40.18
C ALA A 413 1.30 -0.29 -41.57
N ALA A 414 2.01 0.57 -42.31
CA ALA A 414 1.57 0.92 -43.66
C ALA A 414 1.59 -0.29 -44.58
N LYS A 415 2.66 -1.10 -44.52
CA LYS A 415 2.75 -2.26 -45.38
C LYS A 415 1.75 -3.34 -44.98
N LEU A 416 1.55 -3.54 -43.67
CA LEU A 416 0.65 -4.58 -43.21
C LEU A 416 -0.81 -4.24 -43.54
N GLN A 417 -1.19 -2.97 -43.40
CA GLN A 417 -2.57 -2.58 -43.70
C GLN A 417 -2.83 -2.54 -45.20
N SER A 418 -1.78 -2.32 -46.00
CA SER A 418 -1.97 -2.26 -47.45
C SER A 418 -2.39 -3.62 -48.00
N GLN A 419 -1.76 -4.69 -47.55
CA GLN A 419 -2.08 -6.04 -48.00
C GLN A 419 -3.03 -6.76 -47.05
N GLY A 420 -3.61 -6.05 -46.08
CA GLY A 420 -4.53 -6.67 -45.15
C GLY A 420 -3.94 -7.73 -44.27
N ALA A 421 -2.65 -7.63 -43.94
CA ALA A 421 -1.96 -8.61 -43.12
C ALA A 421 -1.80 -8.18 -41.66
N GLY A 422 -2.26 -6.98 -41.31
CA GLY A 422 -2.15 -6.53 -39.93
C GLY A 422 -2.60 -5.09 -39.78
N GLU A 423 -2.65 -4.65 -38.53
CA GLU A 423 -3.06 -3.31 -38.16
C GLU A 423 -2.66 -3.02 -36.72
N PRO A 424 -2.46 -1.75 -36.35
CA PRO A 424 -2.11 -1.44 -34.95
C PRO A 424 -3.23 -1.82 -33.99
N LYS A 425 -2.85 -2.02 -32.73
CA LYS A 425 -3.80 -2.43 -31.71
C LYS A 425 -3.25 -2.07 -30.35
N THR A 426 -4.14 -1.68 -29.44
CA THR A 426 -3.79 -1.36 -28.05
C THR A 426 -4.35 -2.45 -27.15
N GLN A 427 -3.52 -2.93 -26.22
CA GLN A 427 -3.93 -3.99 -25.31
C GLN A 427 -3.45 -3.65 -23.90
N TYR A 428 -3.95 -4.41 -22.93
CA TYR A 428 -3.62 -4.23 -21.52
C TYR A 428 -3.47 -5.59 -20.86
N ARG A 429 -2.51 -5.70 -19.94
CA ARG A 429 -2.36 -6.91 -19.15
CA ARG A 429 -2.38 -6.92 -19.17
C ARG A 429 -3.48 -7.07 -18.13
N LEU A 430 -4.20 -5.99 -17.83
CA LEU A 430 -5.23 -6.02 -16.81
C LEU A 430 -6.36 -6.98 -17.20
N ARG A 431 -6.69 -7.88 -16.28
CA ARG A 431 -7.83 -8.77 -16.42
C ARG A 431 -9.01 -8.24 -15.62
N ASP A 432 -10.19 -8.77 -15.92
CA ASP A 432 -11.38 -8.38 -15.17
C ASP A 432 -11.30 -8.90 -13.74
N TRP A 433 -12.00 -8.21 -12.85
CA TRP A 433 -11.93 -8.49 -11.41
C TRP A 433 -13.01 -9.51 -11.05
N GLY A 434 -12.58 -10.74 -10.77
CA GLY A 434 -13.50 -11.76 -10.28
C GLY A 434 -13.74 -11.59 -8.79
N ILE A 435 -15.01 -11.49 -8.42
CA ILE A 435 -15.40 -11.19 -7.04
C ILE A 435 -16.15 -12.33 -6.38
N SER A 436 -16.43 -13.42 -7.09
CA SER A 436 -17.15 -14.54 -6.50
C SER A 436 -16.22 -15.34 -5.60
N ARG A 437 -16.70 -15.65 -4.40
CA ARG A 437 -15.96 -16.46 -3.43
C ARG A 437 -16.86 -17.55 -2.88
N GLN A 438 -16.30 -18.75 -2.77
CA GLN A 438 -17.05 -19.91 -2.27
C GLN A 438 -16.85 -20.11 -0.77
N ARG A 439 -17.09 -19.05 -0.01
CA ARG A 439 -16.97 -19.07 1.45
C ARG A 439 -18.24 -18.50 2.07
N TYR A 440 -18.36 -18.69 3.38
CA TYR A 440 -19.53 -18.23 4.11
C TYR A 440 -19.36 -16.81 4.67
N TRP A 441 -18.26 -16.57 5.39
CA TRP A 441 -18.09 -15.32 6.13
C TRP A 441 -17.73 -14.21 5.14
N GLY A 442 -18.76 -13.73 4.44
CA GLY A 442 -18.58 -12.66 3.48
C GLY A 442 -19.93 -12.08 3.12
N CYS A 443 -19.88 -10.97 2.41
CA CYS A 443 -21.10 -10.29 1.98
C CYS A 443 -21.84 -11.11 0.94
N PRO A 444 -23.10 -11.46 1.16
CA PRO A 444 -23.83 -12.22 0.15
C PRO A 444 -24.00 -11.43 -1.14
N ILE A 445 -24.07 -12.16 -2.25
CA ILE A 445 -24.24 -11.56 -3.57
C ILE A 445 -25.74 -11.40 -3.82
N PRO A 446 -26.23 -10.18 -4.06
CA PRO A 446 -27.67 -9.94 -4.18
C PRO A 446 -28.23 -10.39 -5.54
N ILE A 447 -28.17 -11.70 -5.79
CA ILE A 447 -28.68 -12.29 -7.02
C ILE A 447 -29.57 -13.47 -6.65
N VAL A 448 -30.74 -13.54 -7.28
CA VAL A 448 -31.66 -14.66 -7.14
C VAL A 448 -31.74 -15.37 -8.47
N HIS A 449 -31.65 -16.70 -8.44
CA HIS A 449 -31.65 -17.53 -9.64
C HIS A 449 -33.04 -18.12 -9.85
N CYS A 450 -33.68 -17.74 -10.97
CA CYS A 450 -35.00 -18.22 -11.32
C CYS A 450 -34.94 -18.90 -12.68
N GLU A 451 -35.44 -20.13 -12.76
CA GLU A 451 -35.43 -20.87 -14.01
C GLU A 451 -36.26 -20.23 -15.10
N LYS A 452 -37.09 -19.24 -14.77
CA LYS A 452 -37.87 -18.52 -15.76
C LYS A 452 -37.30 -17.15 -16.10
N CYS A 453 -36.87 -16.39 -15.08
CA CYS A 453 -36.38 -15.04 -15.27
C CYS A 453 -34.85 -14.96 -15.36
N GLY A 454 -34.14 -16.01 -14.98
CA GLY A 454 -32.69 -16.01 -15.04
C GLY A 454 -32.05 -15.41 -13.80
N ASN A 455 -30.83 -14.92 -13.99
CA ASN A 455 -30.09 -14.26 -12.91
C ASN A 455 -30.69 -12.87 -12.70
N VAL A 456 -31.39 -12.70 -11.58
CA VAL A 456 -32.16 -11.49 -11.30
C VAL A 456 -31.56 -10.82 -10.07
N PRO A 457 -31.30 -9.52 -10.09
CA PRO A 457 -30.82 -8.83 -8.90
C PRO A 457 -31.94 -8.58 -7.89
N VAL A 458 -31.56 -8.53 -6.63
CA VAL A 458 -32.52 -8.26 -5.55
C VAL A 458 -32.96 -6.79 -5.65
N PRO A 459 -34.26 -6.49 -5.55
CA PRO A 459 -34.70 -5.10 -5.61
C PRO A 459 -34.12 -4.27 -4.47
N ALA A 460 -34.13 -2.96 -4.68
CA ALA A 460 -33.56 -2.04 -3.69
C ALA A 460 -34.33 -2.08 -2.38
N ASP A 461 -35.64 -2.35 -2.43
CA ASP A 461 -36.43 -2.41 -1.21
C ASP A 461 -36.04 -3.60 -0.35
N GLN A 462 -35.71 -4.73 -0.98
CA GLN A 462 -35.40 -5.96 -0.26
C GLN A 462 -33.97 -6.03 0.23
N LEU A 463 -33.15 -5.01 -0.02
CA LEU A 463 -31.79 -5.02 0.48
C LEU A 463 -31.75 -4.58 1.94
N PRO A 464 -30.83 -5.15 2.73
CA PRO A 464 -29.81 -6.12 2.32
C PRO A 464 -30.26 -7.57 2.32
N VAL A 465 -29.49 -8.42 1.65
CA VAL A 465 -29.60 -9.87 1.79
C VAL A 465 -28.74 -10.24 2.98
N VAL A 466 -29.38 -10.45 4.13
CA VAL A 466 -28.64 -10.59 5.39
C VAL A 466 -27.94 -11.93 5.43
N LEU A 467 -26.65 -11.91 5.74
CA LEU A 467 -25.91 -13.14 6.00
C LEU A 467 -26.25 -13.65 7.39
N PRO A 468 -26.69 -14.90 7.52
CA PRO A 468 -27.03 -15.43 8.85
C PRO A 468 -25.77 -15.61 9.69
N GLU A 469 -25.79 -15.06 10.90
CA GLU A 469 -24.65 -15.15 11.81
C GLU A 469 -24.67 -16.40 12.67
N ASN A 470 -25.79 -17.12 12.71
CA ASN A 470 -25.90 -18.35 13.50
C ASN A 470 -25.43 -19.56 12.68
N VAL A 471 -24.15 -19.52 12.32
CA VAL A 471 -23.53 -20.57 11.51
C VAL A 471 -22.16 -20.88 12.07
N VAL A 472 -21.83 -22.16 12.16
CA VAL A 472 -20.50 -22.62 12.51
C VAL A 472 -19.99 -23.52 11.39
N PRO A 473 -19.12 -23.02 10.52
CA PRO A 473 -18.69 -23.81 9.37
C PRO A 473 -17.87 -25.02 9.78
N ASP A 474 -18.17 -26.16 9.15
CA ASP A 474 -17.46 -27.41 9.41
C ASP A 474 -16.25 -27.57 8.49
N GLY A 475 -16.34 -27.13 7.25
CA GLY A 475 -15.26 -27.26 6.29
C GLY A 475 -15.56 -28.12 5.09
N MET A 476 -16.60 -28.95 5.10
CA MET A 476 -16.95 -29.82 3.97
C MET A 476 -17.72 -29.09 2.87
N GLY A 477 -17.33 -27.87 2.55
CA GLY A 477 -18.00 -27.07 1.55
C GLY A 477 -18.52 -25.77 2.12
N SER A 478 -19.06 -24.95 1.23
CA SER A 478 -19.63 -23.67 1.63
C SER A 478 -20.89 -23.89 2.46
N PRO A 479 -20.95 -23.37 3.68
CA PRO A 479 -22.15 -23.59 4.51
C PRO A 479 -23.42 -23.02 3.90
N LEU A 480 -23.34 -21.90 3.19
CA LEU A 480 -24.52 -21.34 2.55
C LEU A 480 -25.11 -22.28 1.52
N ALA A 481 -24.28 -23.13 0.91
CA ALA A 481 -24.77 -24.10 -0.06
C ALA A 481 -25.53 -25.25 0.60
N LYS A 482 -25.39 -25.43 1.90
CA LYS A 482 -26.05 -26.50 2.62
C LYS A 482 -27.22 -26.01 3.47
N MET A 483 -27.66 -24.77 3.29
CA MET A 483 -28.68 -24.15 4.13
C MET A 483 -29.89 -23.78 3.28
N PRO A 484 -30.85 -24.71 3.10
CA PRO A 484 -32.06 -24.36 2.34
C PRO A 484 -32.84 -23.22 2.96
N GLU A 485 -32.78 -23.03 4.28
CA GLU A 485 -33.46 -21.91 4.91
C GLU A 485 -32.93 -20.57 4.42
N PHE A 486 -31.73 -20.55 3.84
CA PHE A 486 -31.17 -19.31 3.30
C PHE A 486 -31.45 -19.16 1.80
N TYR A 487 -31.01 -20.12 0.99
CA TYR A 487 -31.03 -19.92 -0.45
C TYR A 487 -32.41 -20.13 -1.06
N GLU A 488 -33.29 -20.90 -0.43
CA GLU A 488 -34.65 -21.09 -0.96
C GLU A 488 -35.47 -19.84 -0.69
N THR A 489 -36.00 -19.24 -1.75
CA THR A 489 -36.81 -18.03 -1.66
C THR A 489 -37.69 -17.95 -2.89
N SER A 490 -38.35 -16.81 -3.07
CA SER A 490 -39.20 -16.57 -4.24
C SER A 490 -38.52 -15.57 -5.17
N CYS A 491 -38.80 -15.72 -6.46
CA CYS A 491 -38.23 -14.81 -7.45
C CYS A 491 -38.82 -13.42 -7.30
N PRO A 492 -38.01 -12.36 -7.31
CA PRO A 492 -38.56 -11.01 -7.15
C PRO A 492 -39.30 -10.50 -8.38
N CYS A 493 -39.21 -11.19 -9.51
CA CYS A 493 -39.87 -10.75 -10.74
C CYS A 493 -41.19 -11.45 -11.01
N CYS A 494 -41.26 -12.77 -10.78
CA CYS A 494 -42.48 -13.51 -11.07
C CYS A 494 -43.12 -14.12 -9.83
N GLY A 495 -42.40 -14.21 -8.72
CA GLY A 495 -42.92 -14.74 -7.48
C GLY A 495 -42.91 -16.24 -7.34
N GLY A 496 -42.23 -16.95 -8.24
CA GLY A 496 -42.15 -18.39 -8.17
C GLY A 496 -40.94 -18.87 -7.38
N ALA A 497 -40.78 -20.19 -7.34
CA ALA A 497 -39.68 -20.79 -6.60
C ALA A 497 -38.34 -20.41 -7.23
N ALA A 498 -37.38 -20.00 -6.39
CA ALA A 498 -36.09 -19.56 -6.88
C ALA A 498 -35.05 -19.78 -5.79
N LYS A 499 -33.78 -19.71 -6.19
CA LYS A 499 -32.66 -19.94 -5.30
C LYS A 499 -31.78 -18.70 -5.26
N ARG A 500 -31.25 -18.39 -4.07
CA ARG A 500 -30.31 -17.29 -3.92
C ARG A 500 -28.91 -17.72 -4.33
N GLU A 501 -28.08 -16.72 -4.65
CA GLU A 501 -26.67 -16.98 -4.89
C GLU A 501 -25.98 -17.30 -3.56
N THR A 502 -25.33 -18.46 -3.49
CA THR A 502 -24.68 -18.89 -2.26
C THR A 502 -23.25 -18.38 -2.12
N ASP A 503 -22.64 -17.90 -3.20
CA ASP A 503 -21.31 -17.34 -3.10
C ASP A 503 -21.36 -15.94 -2.48
N THR A 504 -20.23 -15.54 -1.91
CA THR A 504 -20.08 -14.23 -1.29
C THR A 504 -19.06 -13.40 -2.06
N MET A 505 -19.00 -12.11 -1.73
CA MET A 505 -18.15 -11.18 -2.45
C MET A 505 -16.71 -11.25 -1.97
N ASP A 506 -15.80 -10.85 -2.86
CA ASP A 506 -14.40 -10.67 -2.49
C ASP A 506 -14.29 -9.64 -1.38
N THR A 507 -13.51 -9.97 -0.35
CA THR A 507 -13.38 -9.08 0.81
C THR A 507 -12.68 -7.78 0.48
N PHE A 508 -12.02 -7.68 -0.68
CA PHE A 508 -11.47 -6.40 -1.12
C PHE A 508 -12.56 -5.37 -1.45
N ILE A 509 -13.81 -5.81 -1.60
CA ILE A 509 -14.88 -4.89 -1.95
C ILE A 509 -15.19 -3.96 -0.77
N GLU A 510 -15.25 -4.50 0.44
CA GLU A 510 -15.56 -3.67 1.60
C GLU A 510 -14.52 -2.58 1.82
N SER A 511 -13.26 -2.89 1.53
CA SER A 511 -12.18 -1.92 1.68
C SER A 511 -12.02 -1.01 0.48
N SER A 512 -12.83 -1.17 -0.56
CA SER A 512 -12.77 -0.33 -1.75
C SER A 512 -13.59 0.94 -1.63
N TRP A 513 -14.41 1.08 -0.57
CA TRP A 513 -15.23 2.27 -0.44
C TRP A 513 -15.45 2.70 1.02
N TYR A 514 -14.80 2.07 2.00
CA TYR A 514 -15.05 2.40 3.40
C TYR A 514 -14.60 3.82 3.74
N PHE A 515 -13.71 4.41 2.94
CA PHE A 515 -13.28 5.78 3.20
C PHE A 515 -14.36 6.80 2.89
N PHE A 516 -15.35 6.43 2.06
CA PHE A 516 -16.51 7.30 1.84
C PHE A 516 -17.59 7.09 2.89
N ARG A 517 -17.71 5.87 3.43
CA ARG A 517 -18.73 5.62 4.44
C ARG A 517 -18.44 6.37 5.74
N TYR A 518 -17.15 6.60 6.03
CA TYR A 518 -16.78 7.35 7.23
C TYR A 518 -17.38 8.76 7.24
N MET A 519 -17.68 9.32 6.06
CA MET A 519 -18.25 10.66 6.01
C MET A 519 -19.67 10.71 6.54
N SER A 520 -20.43 9.61 6.39
CA SER A 520 -21.79 9.52 6.91
C SER A 520 -22.10 8.06 7.20
N PRO A 521 -21.54 7.50 8.28
CA PRO A 521 -21.68 6.05 8.52
C PRO A 521 -23.07 5.63 8.97
N LYS A 522 -23.97 6.57 9.25
CA LYS A 522 -25.33 6.24 9.65
C LYS A 522 -26.36 6.70 8.63
N PHE A 523 -25.91 7.05 7.42
CA PHE A 523 -26.82 7.48 6.37
C PHE A 523 -27.57 6.28 5.82
N SER A 524 -28.90 6.29 5.95
CA SER A 524 -29.73 5.15 5.59
C SER A 524 -30.32 5.25 4.19
N ASP A 525 -29.90 6.24 3.40
CA ASP A 525 -30.46 6.44 2.07
C ASP A 525 -29.42 6.35 0.96
N GLY A 526 -28.20 5.89 1.27
CA GLY A 526 -27.18 5.76 0.25
C GLY A 526 -25.87 5.37 0.87
N MET A 527 -24.89 5.13 -0.01
CA MET A 527 -23.55 4.79 0.43
C MET A 527 -22.93 5.95 1.23
N VAL A 528 -23.17 7.18 0.79
CA VAL A 528 -22.67 8.36 1.48
C VAL A 528 -23.59 9.53 1.14
N SER A 529 -23.94 10.32 2.14
CA SER A 529 -24.81 11.47 1.94
C SER A 529 -24.13 12.49 1.04
N ALA A 530 -24.94 13.25 0.30
CA ALA A 530 -24.40 14.23 -0.63
C ALA A 530 -23.75 15.40 0.08
N GLU A 531 -24.27 15.77 1.26
CA GLU A 531 -23.72 16.92 1.96
C GLU A 531 -22.38 16.61 2.61
N SER A 532 -22.17 15.35 3.01
CA SER A 532 -20.91 14.98 3.65
C SER A 532 -19.80 14.76 2.63
N ALA A 533 -20.11 14.07 1.52
CA ALA A 533 -19.10 13.84 0.50
C ALA A 533 -18.70 15.14 -0.19
N LYS A 534 -19.60 16.12 -0.24
CA LYS A 534 -19.24 17.43 -0.79
C LYS A 534 -18.31 18.18 0.14
N TYR A 535 -18.47 18.02 1.46
CA TYR A 535 -17.63 18.72 2.42
C TYR A 535 -16.25 18.09 2.52
N TRP A 536 -16.19 16.81 2.90
CA TRP A 536 -14.91 16.16 3.13
C TRP A 536 -14.13 15.88 1.85
N GLY A 537 -14.81 15.87 0.70
CA GLY A 537 -14.14 15.66 -0.56
C GLY A 537 -13.47 14.32 -0.70
N ALA A 538 -12.15 14.28 -0.45
CA ALA A 538 -11.37 13.06 -0.56
C ALA A 538 -10.45 12.95 0.64
N VAL A 539 -9.69 11.86 0.70
CA VAL A 539 -8.76 11.63 1.80
C VAL A 539 -7.49 12.45 1.56
N ASP A 540 -7.17 13.33 2.51
CA ASP A 540 -5.99 14.18 2.35
C ASP A 540 -4.70 13.39 2.57
N GLN A 541 -4.68 12.50 3.55
CA GLN A 541 -3.49 11.71 3.86
C GLN A 541 -3.90 10.27 4.14
N TYR A 542 -3.20 9.33 3.51
CA TYR A 542 -3.51 7.91 3.61
C TYR A 542 -2.24 7.16 4.02
N ILE A 543 -2.33 6.37 5.08
CA ILE A 543 -1.19 5.65 5.63
C ILE A 543 -1.53 4.16 5.64
N GLY A 544 -0.58 3.34 5.18
CA GLY A 544 -0.79 1.91 5.16
C GLY A 544 0.46 1.20 4.70
N GLY A 545 0.41 -0.13 4.77
CA GLY A 545 1.55 -0.93 4.39
C GLY A 545 1.71 -1.07 2.89
N ILE A 546 2.94 -1.43 2.49
CA ILE A 546 3.27 -1.51 1.08
C ILE A 546 2.65 -2.73 0.40
N GLU A 547 2.17 -3.71 1.18
CA GLU A 547 1.60 -4.91 0.59
C GLU A 547 0.30 -4.63 -0.15
N HIS A 548 -0.33 -3.47 0.10
CA HIS A 548 -1.57 -3.09 -0.57
C HIS A 548 -1.33 -2.07 -1.69
N ALA A 549 -0.08 -1.91 -2.13
CA ALA A 549 0.24 -0.88 -3.10
C ALA A 549 -0.33 -1.14 -4.50
N ILE A 550 -0.80 -2.36 -4.76
CA ILE A 550 -1.30 -2.70 -6.09
C ILE A 550 -2.79 -2.95 -6.05
N LEU A 551 -3.20 -4.09 -5.48
CA LEU A 551 -4.58 -4.53 -5.57
C LEU A 551 -5.53 -3.57 -4.86
N HIS A 552 -5.32 -3.38 -3.55
CA HIS A 552 -6.25 -2.58 -2.76
C HIS A 552 -6.35 -1.15 -3.29
N LEU A 553 -5.21 -0.52 -3.59
CA LEU A 553 -5.24 0.86 -4.05
C LEU A 553 -5.90 0.97 -5.41
N LEU A 554 -5.67 0.00 -6.30
CA LEU A 554 -6.31 0.03 -7.61
C LEU A 554 -7.82 -0.19 -7.49
N TYR A 555 -8.24 -1.04 -6.55
CA TYR A 555 -9.66 -1.27 -6.34
C TYR A 555 -10.35 -0.03 -5.78
N ALA A 556 -9.66 0.69 -4.89
CA ALA A 556 -10.25 1.89 -4.30
C ALA A 556 -10.39 3.00 -5.35
N ARG A 557 -9.40 3.15 -6.22
CA ARG A 557 -9.51 4.12 -7.30
C ARG A 557 -10.61 3.73 -8.27
N PHE A 558 -10.78 2.42 -8.52
CA PHE A 558 -11.83 1.95 -9.42
C PHE A 558 -13.21 2.23 -8.82
N PHE A 559 -13.40 1.89 -7.55
CA PHE A 559 -14.68 2.14 -6.89
C PHE A 559 -14.98 3.63 -6.78
N THR A 560 -13.95 4.45 -6.59
CA THR A 560 -14.15 5.90 -6.52
C THR A 560 -14.74 6.43 -7.83
N LYS A 561 -14.22 5.95 -8.96
CA LYS A 561 -14.74 6.41 -10.25
C LYS A 561 -16.11 5.82 -10.54
N LEU A 562 -16.35 4.59 -10.10
CA LEU A 562 -17.69 4.00 -10.22
C LEU A 562 -18.71 4.82 -9.44
N MET A 563 -18.40 5.13 -8.18
CA MET A 563 -19.32 5.92 -7.37
C MET A 563 -19.44 7.34 -7.90
N ARG A 564 -18.38 7.89 -8.48
CA ARG A 564 -18.45 9.23 -9.06
C ARG A 564 -19.44 9.27 -10.21
N ASP A 565 -19.35 8.29 -11.12
CA ASP A 565 -20.24 8.24 -12.27
C ASP A 565 -21.69 7.95 -11.88
N GLU A 566 -21.94 7.49 -10.66
CA GLU A 566 -23.29 7.30 -10.16
C GLU A 566 -23.82 8.52 -9.41
N GLY A 567 -23.14 9.66 -9.52
CA GLY A 567 -23.58 10.86 -8.84
C GLY A 567 -23.42 10.84 -7.34
N LEU A 568 -22.69 9.88 -6.78
CA LEU A 568 -22.54 9.80 -5.33
C LEU A 568 -21.47 10.75 -4.83
N VAL A 569 -20.31 10.78 -5.48
CA VAL A 569 -19.19 11.61 -5.05
C VAL A 569 -18.77 12.49 -6.22
N ASN A 570 -17.89 13.45 -5.93
CA ASN A 570 -17.45 14.44 -6.90
C ASN A 570 -15.97 14.35 -7.23
N VAL A 571 -15.21 13.49 -6.56
CA VAL A 571 -13.77 13.40 -6.75
C VAL A 571 -13.45 12.30 -7.75
N ASP A 572 -12.30 12.44 -8.41
CA ASP A 572 -11.80 11.40 -9.31
C ASP A 572 -10.83 10.45 -8.65
N GLU A 573 -10.18 10.87 -7.56
CA GLU A 573 -9.22 10.05 -6.85
C GLU A 573 -9.51 10.09 -5.35
N PRO A 574 -9.37 8.96 -4.66
CA PRO A 574 -9.71 8.93 -3.24
C PRO A 574 -8.60 9.42 -2.30
N PHE A 575 -7.34 9.23 -2.69
CA PHE A 575 -6.21 9.50 -1.80
C PHE A 575 -5.27 10.52 -2.44
N GLU A 576 -5.20 11.72 -1.86
CA GLU A 576 -4.28 12.73 -2.34
C GLU A 576 -2.84 12.36 -2.01
N ARG A 577 -2.52 12.26 -0.72
CA ARG A 577 -1.20 11.87 -0.26
C ARG A 577 -1.20 10.41 0.19
N LEU A 578 -0.05 9.76 0.03
CA LEU A 578 0.10 8.35 0.38
C LEU A 578 1.43 8.14 1.08
N LEU A 579 1.37 7.53 2.26
CA LEU A 579 2.57 7.20 3.04
C LEU A 579 2.56 5.70 3.29
N THR A 580 3.60 5.01 2.80
CA THR A 580 3.74 3.57 2.97
C THR A 580 4.75 3.30 4.08
N GLN A 581 4.30 2.61 5.13
CA GLN A 581 5.15 2.31 6.27
C GLN A 581 5.92 1.02 6.06
N GLY A 582 7.13 0.97 6.62
CA GLY A 582 7.92 -0.24 6.57
C GLY A 582 7.44 -1.27 7.58
N MET A 583 7.98 -2.48 7.44
CA MET A 583 7.59 -3.56 8.31
C MET A 583 8.33 -3.49 9.65
N VAL A 584 7.90 -4.33 10.59
CA VAL A 584 8.51 -4.42 11.90
C VAL A 584 9.12 -5.81 12.04
N VAL A 585 10.43 -5.86 12.27
CA VAL A 585 11.16 -7.12 12.34
C VAL A 585 11.62 -7.35 13.77
N CYS A 586 11.93 -8.60 14.09
CA CYS A 586 12.37 -8.98 15.42
C CYS A 586 13.22 -10.23 15.34
N GLU A 587 14.03 -10.43 16.38
CA GLU A 587 14.90 -11.59 16.45
C GLU A 587 14.10 -12.84 16.82
N THR A 588 14.58 -13.99 16.36
CA THR A 588 13.90 -15.26 16.57
C THR A 588 14.73 -16.16 17.47
N TYR A 589 14.03 -16.95 18.30
CA TYR A 589 14.67 -17.87 19.23
C TYR A 589 13.93 -19.20 19.18
N TYR A 590 14.67 -20.28 19.42
CA TYR A 590 14.08 -21.61 19.36
C TYR A 590 14.83 -22.55 20.31
N ARG A 591 14.33 -23.78 20.41
CA ARG A 591 14.98 -24.83 21.18
C ARG A 591 14.73 -26.15 20.44
N GLU A 592 15.77 -26.70 19.84
CA GLU A 592 15.62 -27.85 18.97
C GLU A 592 15.34 -29.12 19.79
N ASN A 593 14.74 -30.10 19.12
CA ASN A 593 14.44 -31.38 19.75
C ASN A 593 14.32 -32.48 18.68
N LYS A 598 13.09 -27.59 15.09
CA LYS A 598 13.09 -26.34 15.86
C LYS A 598 11.75 -26.13 16.56
N ASP A 599 11.79 -25.47 17.72
CA ASP A 599 10.61 -25.12 18.50
C ASP A 599 10.77 -23.65 18.88
N TRP A 600 10.22 -22.76 18.06
CA TRP A 600 10.46 -21.33 18.22
C TRP A 600 9.80 -20.79 19.48
N ILE A 601 10.50 -19.87 20.14
CA ILE A 601 10.05 -19.28 21.40
C ILE A 601 9.79 -17.79 21.18
N ASN A 602 8.75 -17.28 21.84
CA ASN A 602 8.43 -15.87 21.72
C ASN A 602 9.44 -15.04 22.52
N PRO A 603 9.92 -13.92 21.96
CA PRO A 603 10.96 -13.14 22.65
C PRO A 603 10.53 -12.59 24.00
N ALA A 604 9.23 -12.38 24.22
CA ALA A 604 8.78 -11.82 25.49
C ALA A 604 8.99 -12.77 26.66
N ASP A 605 9.23 -14.05 26.39
CA ASP A 605 9.49 -15.04 27.45
C ASP A 605 10.95 -15.48 27.48
N VAL A 606 11.84 -14.73 26.82
CA VAL A 606 13.25 -15.07 26.74
C VAL A 606 14.06 -14.00 27.46
N GLU A 607 15.11 -14.42 28.14
CA GLU A 607 16.04 -13.52 28.83
C GLU A 607 17.44 -13.76 28.31
N LEU A 608 18.15 -12.68 27.99
CA LEU A 608 19.50 -12.78 27.45
C LEU A 608 20.55 -12.75 28.56
N PRO A 616 25.47 -9.95 26.62
CA PRO A 616 25.31 -10.24 25.20
C PRO A 616 25.86 -11.62 24.82
N VAL A 617 26.12 -12.45 25.84
CA VAL A 617 26.70 -13.77 25.59
C VAL A 617 25.71 -14.65 24.84
N SER A 618 24.58 -14.96 25.47
CA SER A 618 23.57 -15.81 24.86
C SER A 618 22.21 -15.45 25.47
N ALA A 619 21.24 -16.35 25.35
CA ALA A 619 19.91 -16.12 25.89
C ALA A 619 19.40 -17.41 26.53
N VAL A 620 18.37 -17.26 27.36
CA VAL A 620 17.76 -18.38 28.05
C VAL A 620 16.29 -18.07 28.29
N LEU A 621 15.51 -19.11 28.56
CA LEU A 621 14.08 -18.93 28.79
C LEU A 621 13.83 -18.25 30.14
N LYS A 622 12.90 -17.29 30.15
CA LYS A 622 12.59 -16.59 31.38
C LYS A 622 11.97 -17.51 32.43
N ALA A 623 11.25 -18.55 31.98
CA ALA A 623 10.59 -19.44 32.93
C ALA A 623 11.59 -20.22 33.76
N ASP A 624 12.79 -20.46 33.23
CA ASP A 624 13.82 -21.21 33.96
C ASP A 624 15.21 -20.71 33.59
N GLY A 625 16.08 -21.62 33.15
CA GLY A 625 17.43 -21.25 32.78
C GLY A 625 17.98 -22.02 31.60
N LEU A 626 17.11 -22.72 30.88
CA LEU A 626 17.54 -23.48 29.71
C LEU A 626 17.98 -22.53 28.61
N PRO A 627 19.21 -22.63 28.11
CA PRO A 627 19.66 -21.71 27.06
C PRO A 627 18.88 -21.90 25.77
N VAL A 628 18.56 -20.79 25.12
CA VAL A 628 17.85 -20.80 23.85
C VAL A 628 18.85 -20.48 22.74
N VAL A 629 18.47 -20.80 21.52
CA VAL A 629 19.32 -20.60 20.35
C VAL A 629 18.86 -19.31 19.65
N ILE A 630 19.77 -18.35 19.55
CA ILE A 630 19.49 -17.10 18.86
C ILE A 630 19.59 -17.32 17.36
N SER A 631 18.56 -16.89 16.63
CA SER A 631 18.55 -17.05 15.18
C SER A 631 18.46 -15.71 14.48
N GLY A 632 18.05 -15.72 13.20
CA GLY A 632 18.03 -14.51 12.41
C GLY A 632 16.89 -13.58 12.76
N THR A 633 17.02 -12.35 12.28
CA THR A 633 16.01 -11.32 12.48
C THR A 633 15.07 -11.29 11.28
N GLU A 634 13.77 -11.45 11.54
CA GLU A 634 12.77 -11.50 10.48
C GLU A 634 11.57 -10.67 10.88
N LYS A 635 10.70 -10.42 9.90
CA LYS A 635 9.43 -9.74 10.17
C LYS A 635 8.63 -10.52 11.21
N MET A 636 7.98 -9.79 12.12
CA MET A 636 7.18 -10.42 13.15
C MET A 636 6.02 -11.18 12.54
N SER A 637 5.88 -12.46 12.91
CA SER A 637 4.79 -13.29 12.44
C SER A 637 4.68 -14.51 13.35
N LYS A 638 3.58 -15.24 13.19
CA LYS A 638 3.37 -16.48 13.93
C LYS A 638 4.17 -17.64 13.36
N SER A 639 4.87 -17.45 12.24
CA SER A 639 5.63 -18.52 11.63
C SER A 639 6.84 -18.90 12.50
N LYS A 640 7.67 -17.93 12.85
CA LYS A 640 8.83 -18.16 13.68
C LYS A 640 8.64 -17.67 15.11
N ASN A 641 7.41 -17.31 15.49
CA ASN A 641 7.06 -16.96 16.87
C ASN A 641 7.96 -15.84 17.39
N ASN A 642 8.08 -14.77 16.61
CA ASN A 642 8.89 -13.62 16.99
C ASN A 642 8.06 -12.35 17.11
N GLY A 643 6.73 -12.48 17.19
CA GLY A 643 5.88 -11.32 17.36
C GLY A 643 5.86 -10.88 18.80
N VAL A 644 6.12 -9.59 19.03
CA VAL A 644 6.14 -8.99 20.36
C VAL A 644 4.78 -8.35 20.61
N ASP A 645 4.09 -8.82 21.63
CA ASP A 645 2.74 -8.34 21.93
C ASP A 645 2.79 -6.88 22.37
N PRO A 646 2.15 -5.97 21.66
CA PRO A 646 2.19 -4.56 22.08
C PRO A 646 1.50 -4.30 23.40
N GLN A 647 0.57 -5.18 23.81
CA GLN A 647 -0.12 -4.96 25.08
C GLN A 647 0.85 -5.07 26.25
N GLU A 648 1.81 -5.99 26.16
CA GLU A 648 2.83 -6.08 27.21
C GLU A 648 3.75 -4.87 27.21
N LEU A 649 3.92 -4.23 26.05
CA LEU A 649 4.70 -3.00 26.00
C LEU A 649 3.97 -1.86 26.70
N ILE A 650 2.64 -1.81 26.57
CA ILE A 650 1.86 -0.78 27.24
C ILE A 650 1.82 -1.03 28.74
N ASN A 651 1.68 -2.29 29.15
CA ASN A 651 1.63 -2.62 30.57
C ASN A 651 2.94 -2.34 31.28
N ALA A 652 4.05 -2.26 30.55
CA ALA A 652 5.35 -2.11 31.18
C ALA A 652 5.82 -0.66 31.22
N TYR A 653 5.54 0.12 30.17
CA TYR A 653 6.05 1.47 30.07
C TYR A 653 5.00 2.53 29.78
N GLY A 654 3.79 2.16 29.38
CA GLY A 654 2.76 3.12 29.04
C GLY A 654 2.65 3.35 27.55
N ALA A 655 1.58 4.05 27.17
CA ALA A 655 1.29 4.26 25.75
C ALA A 655 2.28 5.23 25.12
N ASP A 656 2.67 6.27 25.86
CA ASP A 656 3.56 7.29 25.29
C ASP A 656 4.92 6.70 24.94
N THR A 657 5.45 5.81 25.79
CA THR A 657 6.74 5.20 25.53
C THR A 657 6.69 4.34 24.26
N ALA A 658 5.58 3.63 24.05
CA ALA A 658 5.45 2.81 22.85
C ALA A 658 5.41 3.69 21.59
N ARG A 659 4.60 4.75 21.62
CA ARG A 659 4.52 5.64 20.47
C ARG A 659 5.86 6.31 20.20
N LEU A 660 6.52 6.79 21.25
CA LEU A 660 7.81 7.46 21.08
C LEU A 660 8.86 6.52 20.50
N PHE A 661 8.86 5.26 20.95
CA PHE A 661 9.85 4.30 20.47
C PHE A 661 9.68 4.02 18.99
N MET A 662 8.44 3.96 18.50
CA MET A 662 8.22 3.61 17.10
C MET A 662 8.51 4.76 16.17
N MET A 663 8.25 6.00 16.58
CA MET A 663 8.49 7.16 15.74
C MET A 663 9.95 7.60 15.74
N PHE A 664 10.76 7.07 16.65
CA PHE A 664 12.16 7.48 16.78
C PHE A 664 13.15 6.43 16.31
N ALA A 665 12.78 5.15 16.35
CA ALA A 665 13.72 4.08 16.01
C ALA A 665 14.07 4.09 14.53
N ALA A 666 13.14 4.52 13.67
CA ALA A 666 13.38 4.50 12.23
C ALA A 666 12.37 5.41 11.56
N PRO A 667 12.69 5.96 10.39
CA PRO A 667 11.69 6.69 9.60
C PRO A 667 10.54 5.77 9.22
N PRO A 668 9.37 6.31 8.87
CA PRO A 668 8.21 5.45 8.60
C PRO A 668 8.41 4.49 7.44
N GLU A 669 9.07 4.93 6.36
CA GLU A 669 9.27 4.04 5.21
C GLU A 669 10.26 2.93 5.52
N GLN A 670 11.25 3.21 6.36
CA GLN A 670 12.27 2.23 6.70
C GLN A 670 11.72 1.22 7.72
N SER A 671 12.19 -0.02 7.61
CA SER A 671 11.70 -1.07 8.49
C SER A 671 12.22 -0.87 9.91
N LEU A 672 11.36 -1.15 10.89
CA LEU A 672 11.67 -0.93 12.29
C LEU A 672 12.11 -2.24 12.94
N GLU A 673 13.23 -2.20 13.65
CA GLU A 673 13.76 -3.36 14.35
C GLU A 673 13.46 -3.26 15.84
N TRP A 674 12.88 -4.31 16.40
CA TRP A 674 12.55 -4.32 17.81
C TRP A 674 13.82 -4.36 18.65
N SER A 675 13.88 -3.52 19.68
CA SER A 675 15.06 -3.43 20.53
C SER A 675 14.62 -3.11 21.95
N ASP A 676 14.91 -4.02 22.88
CA ASP A 676 14.59 -3.76 24.28
C ASP A 676 15.37 -2.57 24.83
N SER A 677 16.60 -2.37 24.36
CA SER A 677 17.36 -1.21 24.78
C SER A 677 16.77 0.08 24.22
N GLY A 678 16.18 0.02 23.02
CA GLY A 678 15.57 1.20 22.46
C GLY A 678 14.32 1.63 23.19
N VAL A 679 13.54 0.65 23.67
CA VAL A 679 12.34 0.97 24.44
C VAL A 679 12.73 1.60 25.77
N GLU A 680 13.81 1.11 26.39
CA GLU A 680 14.27 1.72 27.63
C GLU A 680 14.74 3.15 27.42
N GLY A 681 15.39 3.41 26.27
CA GLY A 681 15.83 4.78 25.99
C GLY A 681 14.66 5.73 25.79
N ALA A 682 13.61 5.29 25.10
CA ALA A 682 12.45 6.15 24.90
C ALA A 682 11.78 6.47 26.23
N HIS A 683 11.64 5.46 27.11
CA HIS A 683 11.07 5.71 28.42
C HIS A 683 11.97 6.60 29.26
N ARG A 684 13.28 6.46 29.09
CA ARG A 684 14.22 7.28 29.85
C ARG A 684 14.16 8.75 29.43
N PHE A 685 13.91 9.02 28.15
CA PHE A 685 13.74 10.39 27.70
C PHE A 685 12.46 11.00 28.23
N LEU A 686 11.39 10.19 28.36
CA LEU A 686 10.14 10.71 28.91
C LEU A 686 10.32 11.08 30.39
N ARG A 687 11.14 10.32 31.12
CA ARG A 687 11.50 10.74 32.47
C ARG A 687 12.23 12.07 32.46
N ARG A 688 13.21 12.21 31.56
CA ARG A 688 13.98 13.45 31.46
C ARG A 688 13.08 14.64 31.14
N LEU A 689 12.12 14.45 30.22
CA LEU A 689 11.17 15.51 29.92
C LEU A 689 10.33 15.86 31.14
N TRP A 690 9.90 14.85 31.89
CA TRP A 690 9.13 15.10 33.10
C TRP A 690 9.99 15.80 34.16
N ARG A 691 11.23 15.33 34.34
CA ARG A 691 12.11 15.95 35.34
C ARG A 691 12.43 17.39 34.98
N THR A 692 12.59 17.69 33.69
CA THR A 692 12.96 19.04 33.27
C THR A 692 11.88 20.05 33.64
N VAL A 693 10.62 19.71 33.35
CA VAL A 693 9.52 20.61 33.70
C VAL A 693 9.37 20.72 35.21
N TYR A 694 9.60 19.62 35.92
CA TYR A 694 9.47 19.63 37.38
C TYR A 694 10.53 20.52 38.02
N GLU A 695 11.80 20.32 37.64
CA GLU A 695 12.86 21.13 38.22
C GLU A 695 12.69 22.61 37.89
N TYR A 696 12.13 22.92 36.71
CA TYR A 696 11.89 24.32 36.37
C TYR A 696 10.81 24.93 37.25
N LEU A 697 9.71 24.20 37.47
CA LEU A 697 8.61 24.75 38.26
C LEU A 697 8.96 24.77 39.75
N LYS A 698 9.83 23.87 40.19
CA LYS A 698 10.23 23.87 41.61
C LYS A 698 11.04 25.11 41.96
N GLN A 699 11.83 25.62 41.03
CA GLN A 699 12.71 26.77 41.29
C GLN A 699 12.05 28.08 40.86
N GLY A 700 10.79 28.29 41.23
CA GLY A 700 10.15 29.56 40.95
C GLY A 700 8.71 29.48 40.49
N GLY A 701 8.36 28.41 39.79
CA GLY A 701 7.02 28.29 39.24
C GLY A 701 6.93 28.86 37.84
N ALA A 702 5.70 28.87 37.33
CA ALA A 702 5.42 29.33 35.98
C ALA A 702 5.50 30.85 35.89
N VAL A 703 5.96 31.32 34.72
CA VAL A 703 6.01 32.73 34.40
C VAL A 703 5.44 32.91 32.99
N LYS A 704 5.42 34.16 32.53
CA LYS A 704 4.97 34.46 31.18
C LYS A 704 6.10 34.20 30.20
N ALA A 705 5.80 33.44 29.15
CA ALA A 705 6.82 33.10 28.15
C ALA A 705 7.33 34.35 27.46
N PHE A 706 8.62 34.34 27.12
CA PHE A 706 9.23 35.50 26.48
C PHE A 706 8.62 35.74 25.11
N ALA A 707 8.42 37.01 24.78
CA ALA A 707 7.86 37.40 23.49
C ALA A 707 8.20 38.86 23.23
N GLY A 708 8.46 39.18 21.96
CA GLY A 708 8.72 40.53 21.54
C GLY A 708 10.17 40.77 21.19
N ASN A 709 10.57 42.03 21.29
CA ASN A 709 11.93 42.47 20.97
C ASN A 709 12.95 41.78 21.88
N GLN A 710 13.78 40.91 21.29
CA GLN A 710 14.78 40.19 22.08
C GLN A 710 16.05 41.02 22.29
N ASP A 711 16.14 42.22 21.72
CA ASP A 711 17.29 43.07 21.96
C ASP A 711 17.37 43.45 23.43
N GLY A 712 18.55 43.26 24.02
CA GLY A 712 18.75 43.41 25.44
C GLY A 712 19.00 42.10 26.16
N LEU A 713 18.63 40.98 25.55
CA LEU A 713 18.94 39.68 26.12
C LEU A 713 20.43 39.39 26.02
N SER A 714 20.92 38.56 26.95
CA SER A 714 22.30 38.16 26.91
C SER A 714 22.59 37.32 25.68
N LYS A 715 23.89 37.20 25.35
CA LYS A 715 24.29 36.39 24.22
C LYS A 715 23.89 34.93 24.40
N GLU A 716 23.86 34.46 25.66
CA GLU A 716 23.48 33.08 25.91
C GLU A 716 22.00 32.85 25.67
N LEU A 717 21.14 33.78 26.11
CA LEU A 717 19.71 33.62 25.94
C LEU A 717 19.27 33.89 24.51
N LYS A 718 20.00 34.73 23.78
CA LYS A 718 19.71 34.94 22.37
C LYS A 718 19.99 33.68 21.56
N ASP A 719 21.06 32.96 21.91
CA ASP A 719 21.37 31.72 21.21
C ASP A 719 20.34 30.64 21.51
N LEU A 720 19.81 30.62 22.74
CA LEU A 720 18.79 29.64 23.07
C LEU A 720 17.47 29.92 22.35
N ARG A 721 17.14 31.19 22.12
CA ARG A 721 15.97 31.51 21.33
C ARG A 721 16.19 31.20 19.86
N HIS A 722 17.43 31.35 19.38
CA HIS A 722 17.74 30.95 18.01
C HIS A 722 17.57 29.45 17.81
N LYS A 723 18.11 28.66 18.74
CA LYS A 723 17.97 27.22 18.68
C LYS A 723 16.50 26.80 18.83
N LEU A 724 15.74 27.55 19.62
CA LEU A 724 14.34 27.21 19.85
C LEU A 724 13.52 27.35 18.57
N HIS A 725 13.55 28.54 17.96
CA HIS A 725 12.69 28.78 16.80
C HIS A 725 13.19 28.07 15.55
N SER A 726 14.49 27.79 15.49
CA SER A 726 14.98 26.94 14.39
C SER A 726 14.56 25.49 14.58
N THR A 727 14.43 25.05 15.84
CA THR A 727 13.90 23.72 16.09
C THR A 727 12.41 23.63 15.74
N THR A 728 11.66 24.70 16.01
CA THR A 728 10.25 24.74 15.65
C THR A 728 10.07 24.64 14.14
N ALA A 729 10.87 25.40 13.39
CA ALA A 729 10.81 25.33 11.93
C ALA A 729 11.27 23.96 11.43
N LYS A 730 12.25 23.35 12.11
CA LYS A 730 12.71 22.03 11.71
C LYS A 730 11.65 20.98 11.97
N VAL A 731 10.99 21.05 13.13
CA VAL A 731 9.95 20.08 13.45
C VAL A 731 8.73 20.28 12.57
N SER A 732 8.34 21.54 12.33
CA SER A 732 7.19 21.81 11.47
C SER A 732 7.43 21.28 10.06
N ASP A 733 8.65 21.42 9.56
CA ASP A 733 8.96 20.91 8.22
C ASP A 733 9.07 19.38 8.22
N ASP A 734 9.45 18.79 9.36
CA ASP A 734 9.51 17.34 9.46
C ASP A 734 8.13 16.71 9.55
N TYR A 735 7.16 17.42 10.12
CA TYR A 735 5.81 16.88 10.19
C TYR A 735 5.04 17.11 8.90
N GLY A 736 5.19 18.28 8.29
CA GLY A 736 4.41 18.63 7.12
C GLY A 736 4.97 18.13 5.80
N ARG A 737 6.26 18.40 5.54
CA ARG A 737 6.87 18.04 4.27
C ARG A 737 7.48 16.65 4.30
N ARG A 738 8.59 16.49 5.02
CA ARG A 738 9.38 15.26 4.92
C ARG A 738 8.66 14.07 5.52
N GLN A 739 7.77 14.29 6.49
CA GLN A 739 7.10 13.21 7.22
C GLN A 739 8.13 12.22 7.78
N GLN A 740 9.22 12.77 8.30
CA GLN A 740 10.31 12.00 8.89
C GLN A 740 10.36 12.38 10.37
N PHE A 741 9.72 11.56 11.21
CA PHE A 741 9.46 11.94 12.59
C PHE A 741 10.64 11.68 13.51
N ASN A 742 11.55 10.77 13.15
CA ASN A 742 12.69 10.51 14.03
C ASN A 742 13.64 11.69 14.08
N THR A 743 13.79 12.42 12.97
CA THR A 743 14.64 13.60 12.98
C THR A 743 14.01 14.74 13.78
N ALA A 744 12.69 14.83 13.79
CA ALA A 744 12.02 15.85 14.59
C ALA A 744 12.21 15.59 16.08
N ILE A 745 12.19 14.32 16.49
CA ILE A 745 12.45 14.00 17.89
C ILE A 745 13.89 14.34 18.25
N ALA A 746 14.83 14.12 17.32
CA ALA A 746 16.22 14.45 17.59
C ALA A 746 16.41 15.96 17.73
N ALA A 747 15.68 16.75 16.93
CA ALA A 747 15.81 18.19 16.99
C ALA A 747 15.35 18.74 18.34
N VAL A 748 14.27 18.18 18.89
CA VAL A 748 13.80 18.63 20.20
C VAL A 748 14.77 18.20 21.29
N MET A 749 15.42 17.04 21.13
CA MET A 749 16.43 16.62 22.09
C MET A 749 17.63 17.56 22.07
N GLU A 750 18.01 18.04 20.89
CA GLU A 750 19.10 19.01 20.79
C GLU A 750 18.74 20.34 21.43
N LEU A 751 17.47 20.72 21.36
CA LEU A 751 17.03 21.96 22.01
C LEU A 751 17.08 21.83 23.53
N LEU A 752 16.68 20.67 24.06
CA LEU A 752 16.74 20.46 25.51
C LEU A 752 18.17 20.38 26.01
N ASN A 753 19.09 19.89 25.18
CA ASN A 753 20.49 19.83 25.58
C ASN A 753 21.08 21.23 25.73
N GLN A 754 20.80 22.12 24.78
CA GLN A 754 21.26 23.50 24.90
C GLN A 754 20.54 24.21 26.04
N TYR A 755 19.30 23.85 26.33
CA TYR A 755 18.61 24.39 27.49
C TYR A 755 19.30 23.98 28.78
N ASP A 756 19.75 22.72 28.87
CA ASP A 756 20.43 22.26 30.07
C ASP A 756 21.75 22.99 30.29
N LYS A 757 22.43 23.38 29.21
CA LYS A 757 23.72 24.07 29.31
C LYS A 757 23.59 25.58 29.28
N THR A 758 22.42 26.11 29.61
CA THR A 758 22.17 27.55 29.61
C THR A 758 21.68 27.99 30.98
N ASP A 759 22.31 29.03 31.52
CA ASP A 759 21.90 29.60 32.81
C ASP A 759 20.60 30.38 32.60
N THR A 760 19.50 29.86 33.13
CA THR A 760 18.19 30.48 33.03
C THR A 760 17.68 30.96 34.39
N GLY A 761 18.59 31.47 35.22
CA GLY A 761 18.24 31.86 36.57
C GLY A 761 17.71 33.28 36.68
N SER A 762 18.13 34.16 35.76
CA SER A 762 17.70 35.55 35.81
C SER A 762 16.20 35.66 35.51
N GLU A 763 15.66 36.86 35.73
CA GLU A 763 14.26 37.10 35.42
C GLU A 763 13.99 36.94 33.94
N GLN A 764 14.88 37.46 33.09
CA GLN A 764 14.74 37.24 31.65
C GLN A 764 15.10 35.80 31.27
N GLY A 765 15.91 35.13 32.09
CA GLY A 765 16.24 33.74 31.82
C GLY A 765 15.05 32.82 32.04
N ARG A 766 14.29 33.06 33.11
CA ARG A 766 13.09 32.27 33.36
C ARG A 766 12.08 32.46 32.24
N ALA A 767 11.97 33.67 31.70
CA ALA A 767 11.04 33.92 30.60
C ALA A 767 11.42 33.13 29.36
N VAL A 768 12.71 33.04 29.06
CA VAL A 768 13.16 32.25 27.92
C VAL A 768 12.93 30.76 28.20
N ALA A 769 13.20 30.32 29.44
CA ALA A 769 12.96 28.94 29.80
C ALA A 769 11.50 28.56 29.64
N GLN A 770 10.58 29.47 30.03
CA GLN A 770 9.17 29.22 29.83
C GLN A 770 8.83 29.08 28.36
N GLU A 771 9.44 29.93 27.52
CA GLU A 771 9.21 29.84 26.08
C GLU A 771 9.78 28.56 25.50
N VAL A 772 10.90 28.07 26.04
CA VAL A 772 11.48 26.82 25.57
C VAL A 772 10.58 25.64 25.90
N LEU A 773 10.08 25.59 27.14
CA LEU A 773 9.30 24.44 27.57
C LEU A 773 7.89 24.45 26.99
N GLU A 774 7.29 25.63 26.85
CA GLU A 774 5.94 25.69 26.28
C GLU A 774 5.94 25.27 24.82
N ALA A 775 7.06 25.42 24.14
CA ALA A 775 7.17 24.99 22.75
C ALA A 775 7.53 23.51 22.63
N ALA A 776 8.41 23.03 23.51
CA ALA A 776 8.85 21.63 23.42
C ALA A 776 7.70 20.67 23.67
N VAL A 777 6.85 20.97 24.65
CA VAL A 777 5.73 20.08 24.94
C VAL A 777 4.69 20.12 23.83
N ARG A 778 4.64 21.22 23.08
CA ARG A 778 3.69 21.28 21.97
C ARG A 778 4.28 20.67 20.70
N LEU A 779 5.60 20.76 20.52
CA LEU A 779 6.24 20.11 19.39
C LEU A 779 6.17 18.59 19.51
N LEU A 780 6.23 18.06 20.73
CA LEU A 780 6.16 16.63 20.97
C LEU A 780 4.75 16.14 21.25
N TRP A 781 3.76 17.03 21.30
CA TRP A 781 2.39 16.61 21.55
C TRP A 781 1.84 15.63 20.52
N PRO A 782 2.07 15.80 19.20
CA PRO A 782 1.56 14.79 18.26
C PRO A 782 2.12 13.39 18.48
N ILE A 783 3.28 13.26 19.11
CA ILE A 783 3.93 11.97 19.31
C ILE A 783 3.62 11.39 20.68
N VAL A 784 3.80 12.18 21.74
CA VAL A 784 3.51 11.73 23.09
C VAL A 784 2.49 12.67 23.72
N PRO A 785 1.22 12.59 23.34
CA PRO A 785 0.25 13.60 23.79
C PRO A 785 -0.12 13.50 25.26
N HIS A 786 0.03 12.33 25.89
CA HIS A 786 -0.40 12.20 27.29
C HIS A 786 0.49 13.00 28.22
N ILE A 787 1.81 12.75 28.18
CA ILE A 787 2.72 13.47 29.07
C ILE A 787 2.81 14.95 28.67
N CYS A 788 2.65 15.25 27.39
CA CYS A 788 2.70 16.65 26.96
C CYS A 788 1.48 17.41 27.42
N GLU A 789 0.30 16.79 27.37
CA GLU A 789 -0.91 17.43 27.90
C GLU A 789 -0.77 17.69 29.39
N THR A 790 -0.17 16.75 30.13
CA THR A 790 0.00 16.92 31.56
C THR A 790 1.02 18.00 31.87
N LEU A 791 2.14 18.01 31.15
CA LEU A 791 3.17 19.01 31.41
C LEU A 791 2.74 20.40 30.97
N TRP A 792 1.88 20.49 29.95
CA TRP A 792 1.42 21.80 29.49
C TRP A 792 0.49 22.45 30.51
N SER A 793 -0.39 21.66 31.12
CA SER A 793 -1.30 22.20 32.13
C SER A 793 -0.57 22.69 33.37
N GLU A 794 0.66 22.22 33.61
CA GLU A 794 1.45 22.70 34.72
C GLU A 794 2.17 24.01 34.39
N LEU A 795 2.54 24.21 33.11
CA LEU A 795 3.23 25.41 32.69
C LEU A 795 2.26 26.53 32.29
N ASN A 796 1.12 26.18 31.70
CA ASN A 796 0.18 27.17 31.19
C ASN A 796 -1.24 26.70 31.49
N GLY A 797 -2.13 27.66 31.71
CA GLY A 797 -3.50 27.35 32.07
C GLY A 797 -4.45 27.26 30.91
N ALA A 798 -4.05 27.78 29.74
CA ALA A 798 -4.91 27.76 28.58
C ALA A 798 -4.97 26.34 27.99
N LYS A 799 -5.92 26.15 27.08
CA LYS A 799 -6.06 24.87 26.40
C LYS A 799 -4.94 24.71 25.36
N LEU A 800 -4.33 23.52 25.35
CA LEU A 800 -3.20 23.29 24.44
C LEU A 800 -3.65 23.39 22.98
N TRP A 801 -4.76 22.75 22.64
CA TRP A 801 -5.26 22.80 21.28
C TRP A 801 -5.74 24.19 20.89
N GLU A 802 -6.02 25.06 21.88
CA GLU A 802 -6.35 26.45 21.60
C GLU A 802 -5.12 27.34 21.49
N ALA A 803 -4.00 26.94 22.11
CA ALA A 803 -2.76 27.69 21.94
C ALA A 803 -2.21 27.54 20.52
N GLY A 804 -2.39 26.37 19.91
CA GLY A 804 -2.00 26.15 18.54
C GLY A 804 -0.55 25.76 18.38
N TRP A 805 -0.20 25.45 17.14
CA TRP A 805 1.16 25.06 16.82
C TRP A 805 2.11 26.22 17.10
N PRO A 806 3.30 25.96 17.66
CA PRO A 806 4.23 27.06 17.96
C PRO A 806 4.63 27.80 16.70
N THR A 807 4.57 29.13 16.77
CA THR A 807 4.94 29.98 15.65
C THR A 807 6.44 30.24 15.64
N VAL A 808 6.97 30.48 14.45
CA VAL A 808 8.40 30.74 14.29
C VAL A 808 8.63 32.24 14.35
N ASP A 809 9.44 32.68 15.32
CA ASP A 809 9.83 34.08 15.44
C ASP A 809 11.10 34.28 14.62
N GLU A 810 10.94 34.81 13.42
CA GLU A 810 12.09 34.98 12.52
C GLU A 810 13.07 36.03 13.02
N ALA A 811 12.64 36.90 13.93
CA ALA A 811 13.57 37.87 14.51
C ALA A 811 14.65 37.19 15.33
N ALA A 812 14.33 36.06 15.97
CA ALA A 812 15.31 35.31 16.74
C ALA A 812 16.29 34.53 15.86
N LEU A 813 16.03 34.46 14.56
CA LEU A 813 16.93 33.76 13.64
C LEU A 813 17.96 34.69 13.02
N VAL A 814 17.64 35.97 12.87
CA VAL A 814 18.60 36.92 12.31
C VAL A 814 19.67 37.22 13.36
N LYS A 815 20.91 36.85 13.06
CA LYS A 815 21.99 37.06 14.01
C LYS A 815 22.46 38.51 14.00
N SER A 816 23.20 38.87 15.05
CA SER A 816 23.72 40.23 15.16
C SER A 816 24.79 40.47 14.11
N GLU A 817 24.77 41.67 13.52
CA GLU A 817 25.72 42.04 12.48
C GLU A 817 26.92 42.75 13.10
N ILE A 818 28.12 42.31 12.71
CA ILE A 818 29.36 42.92 13.16
C ILE A 818 29.79 43.91 12.08
N GLU A 819 29.50 45.19 12.31
CA GLU A 819 29.75 46.23 11.33
C GLU A 819 30.86 47.16 11.83
N VAL A 820 31.76 47.52 10.91
CA VAL A 820 32.88 48.41 11.23
C VAL A 820 33.41 49.03 9.95
N MET A 821 34.41 49.90 10.07
CA MET A 821 35.02 50.57 8.94
C MET A 821 36.53 50.39 9.01
N VAL A 822 37.13 49.99 7.89
CA VAL A 822 38.56 49.73 7.83
C VAL A 822 39.29 51.02 7.47
N GLN A 823 40.58 51.07 7.81
CA GLN A 823 41.41 52.23 7.52
C GLN A 823 42.84 51.78 7.35
N VAL A 824 43.44 52.09 6.20
CA VAL A 824 44.80 51.70 5.88
C VAL A 824 45.66 52.96 5.84
N ASN A 825 46.64 53.03 6.75
CA ASN A 825 47.58 54.15 6.82
C ASN A 825 46.87 55.48 7.07
N GLY A 826 45.75 55.45 7.79
CA GLY A 826 45.03 56.66 8.13
C GLY A 826 43.72 56.84 7.40
N LYS A 827 43.76 56.84 6.07
CA LYS A 827 42.56 57.06 5.28
C LYS A 827 41.70 55.80 5.25
N LEU A 828 40.46 55.98 4.79
CA LEU A 828 39.51 54.87 4.70
C LEU A 828 39.87 53.93 3.55
N ALA A 841 41.09 41.22 17.70
CA ALA A 841 41.25 39.77 17.52
C ALA A 841 40.23 39.23 16.53
N ASP A 842 38.95 39.25 16.92
CA ASP A 842 37.90 38.75 16.04
C ASP A 842 37.66 39.70 14.87
N LEU A 843 37.73 41.01 15.12
CA LEU A 843 37.54 42.00 14.07
C LEU A 843 38.80 42.29 13.29
N GLU A 844 39.96 41.84 13.75
CA GLU A 844 41.21 42.06 13.02
C GLU A 844 41.43 41.00 11.94
N ALA A 845 41.05 39.75 12.23
CA ALA A 845 41.20 38.69 11.23
C ALA A 845 40.18 38.84 10.11
N ALA A 846 39.00 39.38 10.40
CA ALA A 846 38.02 39.64 9.36
C ALA A 846 38.40 40.85 8.51
N ALA A 847 38.98 41.88 9.13
CA ALA A 847 39.41 43.05 8.38
C ALA A 847 40.61 42.72 7.49
N LEU A 848 41.54 41.91 8.00
CA LEU A 848 42.70 41.52 7.21
C LEU A 848 42.33 40.57 6.07
N ALA A 849 41.12 39.98 6.11
CA ALA A 849 40.70 39.11 5.02
C ALA A 849 40.36 39.92 3.78
N ASN A 850 39.68 41.05 3.94
CA ASN A 850 39.29 41.91 2.83
C ASN A 850 38.50 41.15 1.76
N ILE A 865 48.69 48.84 14.52
CA ILE A 865 47.57 48.10 13.96
C ILE A 865 46.58 47.73 15.05
N ILE A 866 46.37 48.65 15.99
CA ILE A 866 45.44 48.45 17.10
C ILE A 866 44.08 49.02 16.71
N VAL A 867 43.02 48.32 17.10
CA VAL A 867 41.67 48.70 16.76
C VAL A 867 41.04 49.44 17.93
N VAL A 868 39.90 50.06 17.67
CA VAL A 868 39.10 50.72 18.69
C VAL A 868 37.98 49.77 19.11
N PRO A 869 37.83 49.45 20.40
CA PRO A 869 36.81 48.49 20.82
C PRO A 869 35.39 48.94 20.47
N GLY A 870 35.01 48.75 19.22
CA GLY A 870 33.70 49.16 18.76
C GLY A 870 33.46 48.89 17.29
N ARG A 871 33.64 49.90 16.46
CA ARG A 871 33.42 49.79 15.01
C ARG A 871 34.48 50.60 14.26
N LEU A 872 35.74 50.34 14.58
CA LEU A 872 36.85 51.04 13.93
C LEU A 872 38.09 50.17 13.98
N VAL A 873 38.69 49.92 12.81
CA VAL A 873 39.91 49.13 12.70
C VAL A 873 40.88 49.91 11.82
N ASN A 874 42.08 50.16 12.34
CA ASN A 874 43.12 50.87 11.62
C ASN A 874 44.27 49.93 11.29
N ILE A 875 44.77 50.01 10.06
CA ILE A 875 45.83 49.15 9.58
C ILE A 875 47.10 49.99 9.47
N VAL A 876 48.03 49.79 10.40
CA VAL A 876 49.31 50.50 10.39
C VAL A 876 50.24 49.73 9.47
N VAL A 877 50.38 50.20 8.23
CA VAL A 877 51.20 49.53 7.23
C VAL A 877 52.60 50.15 7.22
C1 EDO B . -1.78 -9.62 -14.91
O1 EDO B . -1.65 -9.46 -16.33
C2 EDO B . -1.32 -8.34 -14.21
O2 EDO B . -2.18 -7.26 -14.58
C1 EDO C . -8.41 -7.61 -11.43
O1 EDO C . -8.29 -8.72 -10.54
C2 EDO C . -7.29 -6.63 -11.20
O2 EDO C . -6.04 -7.27 -11.46
C2 OVZ D . 0.13 -2.54 8.18
C2 OVZ D . 0.05 -2.63 8.27
C4 OVZ D . -2.20 -1.80 7.51
C4 OVZ D . -2.21 -1.79 7.46
O4 OVZ D . -1.79 -0.45 7.29
O4 OVZ D . -1.76 -0.47 7.21
C5 OVZ D . -2.71 -1.98 8.94
C5 OVZ D . -2.79 -1.91 8.87
C6 OVZ D . -3.89 -2.91 9.00
C6 OVZ D . -3.94 -2.88 8.92
C7 OVZ D . 0.93 -3.82 8.41
C7 OVZ D . 0.65 -3.97 8.68
C8 OVZ D . 2.31 -3.85 7.75
C8 OVZ D . 1.98 -4.32 8.03
C9 OVZ D . 2.98 -5.21 7.75
C9 OVZ D . 2.63 -5.55 8.63
N10 OVZ D . 3.67 -5.50 8.99
N10 OVZ D . 1.72 -6.70 8.64
C14 OVZ D . 3.34 -6.40 9.94
C14 OVZ D . 1.22 -7.36 9.69
C15 OVZ D . 4.54 -7.10 12.12
C15 OVZ D . -0.40 -9.38 9.84
C OVZ D . -5.45 -4.87 6.40
C OVZ D . -5.44 -4.87 6.40
O OVZ D . -4.40 -5.01 5.79
O OVZ D . -4.39 -5.01 5.79
N OVZ D . -7.88 -4.53 6.59
N OVZ D . -7.87 -4.52 6.59
CA OVZ D . -6.73 -4.48 5.68
CA OVZ D . -6.72 -4.48 5.68
CB OVZ D . -6.52 -3.11 5.03
CB OVZ D . -6.51 -3.12 5.02
CG OVZ D . -7.47 -2.66 3.93
CG OVZ D . -7.46 -2.66 3.92
CD1 OVZ D . -7.31 -1.18 3.64
CD1 OVZ D . -7.26 -3.47 2.66
CD2 OVZ D . -7.26 -3.47 2.67
CD2 OVZ D . -7.33 -1.17 3.65
C1 OVZ D . -0.39 -2.01 9.50
C1 OVZ D . -0.49 -1.92 9.49
C13 OVZ D . 4.35 -6.33 10.86
C13 OVZ D . 0.43 -8.33 9.16
C17 OVZ D . 3.54 -7.83 14.21
C17 OVZ D . -2.30 -9.63 8.36
C18 OVZ D . 2.95 -9.21 14.35
C18 OVZ D . -3.35 -10.71 8.47
C19 OVZ D . 2.21 -9.78 13.32
C19 OVZ D . -3.57 -11.60 7.42
C20 OVZ D . 1.66 -11.04 13.44
C20 OVZ D . -4.53 -12.59 7.53
C21 OVZ D . 1.84 -11.76 14.61
C21 OVZ D . -5.30 -12.70 8.66
C22 OVZ D . 2.58 -11.21 15.64
C22 OVZ D . -5.10 -11.81 9.71
C23 OVZ D . 3.13 -9.95 15.51
C23 OVZ D . -4.13 -10.83 9.61
C3 OVZ D . -1.05 -2.77 7.24
C3 OVZ D . -1.09 -2.81 7.26
N11 OVZ D . 4.84 -4.90 9.29
N11 OVZ D . 1.28 -7.23 7.48
N12 OVZ D . 5.25 -5.40 10.43
N12 OVZ D . 0.48 -8.23 7.81
N16 OVZ D . 3.31 -7.24 12.88
N16 OVZ D . -1.83 -9.17 9.66
N3S OVZ D . -5.55 -5.06 7.75
N3S OVZ D . -5.55 -5.05 7.76
O1S OVZ D . -4.97 -5.54 10.09
O1S OVZ D . -4.96 -5.56 10.08
O2S OVZ D . -3.69 -6.57 8.23
O2S OVZ D . -3.65 -6.53 8.22
O3 OVZ D . -0.63 -2.66 5.88
O3 OVZ D . -0.58 -2.71 5.93
O5 OVZ D . -1.70 -2.52 9.78
O5 OVZ D . -1.81 -2.38 9.80
O6 OVZ D . -3.36 -4.26 8.83
O6 OVZ D . -3.38 -4.23 8.87
S OVZ D . -4.41 -5.48 8.78
S OVZ D . -4.39 -5.45 8.79
MG MG E . -3.75 18.36 -8.90
ZN ZN F . -38.95 -15.47 -11.91
#